data_2E2S
#
_entry.id   2E2S
#
_cell.length_a   1.000
_cell.length_b   1.000
_cell.length_c   1.000
_cell.angle_alpha   90.00
_cell.angle_beta   90.00
_cell.angle_gamma   90.00
#
_symmetry.space_group_name_H-M   'P 1'
#
_entity_poly.entity_id   1
_entity_poly.type   'polypeptide(L)'
_entity_poly.pdbx_seq_one_letter_code
;GGCLPHNRFCNALSGPRCCSGLKCKELSIWDSRCL(NH2)
;
_entity_poly.pdbx_strand_id   A
#
loop_
_chem_comp.id
_chem_comp.type
_chem_comp.name
_chem_comp.formula
NH2 non-polymer 'AMINO GROUP' 'H2 N'
#
# COMPACT_ATOMS: atom_id res chain seq x y z
N GLY A 1 0.53 -1.29 -11.62
CA GLY A 1 0.43 -2.56 -12.39
C GLY A 1 1.11 -3.68 -11.61
N GLY A 2 2.42 -3.70 -11.61
CA GLY A 2 3.15 -4.76 -10.86
C GLY A 2 2.96 -4.55 -9.37
N CYS A 3 3.77 -3.70 -8.78
CA CYS A 3 3.62 -3.44 -7.32
C CYS A 3 2.73 -2.21 -7.14
N LEU A 4 2.61 -1.74 -5.93
CA LEU A 4 1.76 -0.54 -5.66
C LEU A 4 2.68 0.70 -5.64
N PRO A 5 2.45 1.67 -6.48
CA PRO A 5 3.28 2.91 -6.49
C PRO A 5 3.21 3.65 -5.14
N HIS A 6 4.26 4.31 -4.75
CA HIS A 6 4.26 5.02 -3.44
C HIS A 6 3.01 5.91 -3.31
N ASN A 7 2.59 6.16 -2.10
CA ASN A 7 1.40 7.02 -1.89
C ASN A 7 0.14 6.43 -2.57
N ARG A 8 0.26 5.33 -3.27
CA ARG A 8 -0.96 4.76 -3.92
C ARG A 8 -1.77 4.03 -2.86
N PHE A 9 -3.04 3.85 -3.10
CA PHE A 9 -3.90 3.14 -2.11
C PHE A 9 -3.56 1.65 -2.13
N CYS A 10 -2.90 1.17 -1.12
CA CYS A 10 -2.53 -0.28 -1.08
C CYS A 10 -3.56 -1.05 -0.24
N ASN A 11 -3.71 -2.31 -0.51
CA ASN A 11 -4.68 -3.13 0.27
C ASN A 11 -3.92 -4.16 1.11
N ALA A 12 -3.73 -3.87 2.36
CA ALA A 12 -3.00 -4.83 3.24
C ALA A 12 -3.69 -6.18 3.20
N LEU A 13 -4.96 -6.19 2.86
CA LEU A 13 -5.71 -7.47 2.83
C LEU A 13 -5.75 -8.05 1.41
N SER A 14 -6.65 -7.60 0.57
CA SER A 14 -6.76 -8.15 -0.82
C SER A 14 -6.21 -7.15 -1.84
N GLY A 15 -5.29 -7.56 -2.66
CA GLY A 15 -4.73 -6.66 -3.70
C GLY A 15 -3.20 -6.70 -3.63
N PRO A 16 -2.54 -6.35 -4.70
CA PRO A 16 -1.04 -6.32 -4.74
C PRO A 16 -0.45 -5.49 -3.61
N ARG A 17 0.84 -5.55 -3.45
CA ARG A 17 1.50 -4.77 -2.36
C ARG A 17 2.57 -3.87 -2.96
N CYS A 18 3.10 -2.96 -2.18
CA CYS A 18 4.14 -2.06 -2.72
C CYS A 18 5.44 -2.83 -2.89
N CYS A 19 6.27 -2.40 -3.79
CA CYS A 19 7.55 -3.11 -4.00
C CYS A 19 8.58 -2.58 -3.00
N SER A 20 9.82 -2.82 -3.24
CA SER A 20 10.87 -2.35 -2.30
C SER A 20 10.94 -0.83 -2.32
N GLY A 21 11.12 -0.25 -1.16
CA GLY A 21 11.22 1.22 -1.08
C GLY A 21 9.90 1.81 -0.59
N LEU A 22 8.80 1.08 -0.71
CA LEU A 22 7.50 1.64 -0.24
C LEU A 22 6.83 0.62 0.68
N LYS A 23 5.94 1.06 1.53
CA LYS A 23 5.28 0.09 2.45
C LYS A 23 3.82 0.51 2.67
N CYS A 24 2.95 -0.42 2.87
CA CYS A 24 1.52 -0.04 3.08
C CYS A 24 1.30 0.39 4.52
N LYS A 25 1.21 1.68 4.73
CA LYS A 25 0.99 2.24 6.08
C LYS A 25 -0.51 2.36 6.36
N GLU A 26 -0.94 2.06 7.55
CA GLU A 26 -2.37 2.16 7.88
C GLU A 26 -2.68 3.60 8.32
N LEU A 27 -3.70 4.19 7.78
CA LEU A 27 -4.08 5.58 8.17
C LEU A 27 -5.21 5.55 9.18
N SER A 28 -5.88 4.44 9.29
CA SER A 28 -7.01 4.34 10.26
C SER A 28 -7.47 2.89 10.36
N ILE A 29 -8.66 2.66 10.85
CA ILE A 29 -9.16 1.27 10.96
C ILE A 29 -9.34 0.69 9.55
N TRP A 30 -9.86 1.45 8.62
CA TRP A 30 -10.05 0.93 7.23
C TRP A 30 -9.35 1.84 6.21
N ASP A 31 -8.21 2.40 6.54
CA ASP A 31 -7.49 3.29 5.56
C ASP A 31 -6.00 2.94 5.53
N SER A 32 -5.50 2.54 4.39
CA SER A 32 -4.04 2.20 4.29
C SER A 32 -3.49 2.74 2.96
N ARG A 33 -2.27 3.23 2.95
CA ARG A 33 -1.69 3.75 1.67
C ARG A 33 -0.20 3.41 1.65
N CYS A 34 0.41 3.29 0.50
CA CYS A 34 1.86 2.95 0.49
C CYS A 34 2.64 4.07 1.14
N LEU A 35 3.28 3.78 2.22
CA LEU A 35 4.09 4.82 2.92
C LEU A 35 5.07 4.14 3.88
N NH2 A 36 6.21 3.73 3.42
HN1 NH2 A 36 6.89 3.28 4.04
HN2 NH2 A 36 6.44 3.85 2.42
N GLY A 1 -0.76 -4.43 -12.90
CA GLY A 1 0.43 -4.69 -13.76
C GLY A 1 1.70 -4.49 -12.94
N GLY A 2 1.95 -3.28 -12.51
CA GLY A 2 3.19 -3.00 -11.70
C GLY A 2 2.82 -3.03 -10.22
N CYS A 3 3.78 -2.85 -9.35
CA CYS A 3 3.46 -2.86 -7.90
C CYS A 3 2.61 -1.66 -7.56
N LEU A 4 2.52 -1.35 -6.31
CA LEU A 4 1.72 -0.20 -5.88
C LEU A 4 2.64 1.03 -5.71
N PRO A 5 2.36 2.10 -6.40
CA PRO A 5 3.17 3.37 -6.31
C PRO A 5 3.15 3.98 -4.91
N HIS A 6 4.17 4.71 -4.57
CA HIS A 6 4.23 5.34 -3.21
C HIS A 6 2.96 6.13 -2.91
N ASN A 7 2.61 6.20 -1.65
CA ASN A 7 1.41 6.98 -1.21
C ASN A 7 0.17 6.65 -2.06
N ARG A 8 0.14 5.51 -2.69
CA ARG A 8 -1.05 5.13 -3.50
C ARG A 8 -1.97 4.29 -2.61
N PHE A 9 -3.22 4.14 -2.97
CA PHE A 9 -4.11 3.29 -2.12
C PHE A 9 -3.54 1.88 -2.05
N CYS A 10 -3.51 1.31 -0.88
CA CYS A 10 -2.96 -0.06 -0.72
C CYS A 10 -3.72 -0.78 0.39
N ASN A 11 -3.85 -2.06 0.28
CA ASN A 11 -4.56 -2.84 1.33
C ASN A 11 -3.57 -3.76 2.03
N ALA A 12 -3.04 -3.33 3.13
CA ALA A 12 -2.07 -4.18 3.86
C ALA A 12 -2.69 -5.56 4.09
N LEU A 13 -4.00 -5.63 4.08
CA LEU A 13 -4.66 -6.95 4.32
C LEU A 13 -5.04 -7.64 3.01
N SER A 14 -5.73 -6.98 2.12
CA SER A 14 -6.12 -7.67 0.85
C SER A 14 -6.00 -6.74 -0.37
N GLY A 15 -5.12 -7.08 -1.27
CA GLY A 15 -4.93 -6.27 -2.50
C GLY A 15 -3.52 -6.48 -3.02
N PRO A 16 -3.14 -5.77 -4.04
CA PRO A 16 -1.78 -5.88 -4.63
C PRO A 16 -0.71 -5.57 -3.60
N ARG A 17 0.52 -5.90 -3.89
CA ARG A 17 1.60 -5.66 -2.92
C ARG A 17 2.50 -4.52 -3.37
N CYS A 18 2.92 -3.69 -2.44
CA CYS A 18 3.78 -2.55 -2.76
C CYS A 18 5.18 -3.05 -3.10
N CYS A 19 5.91 -2.29 -3.88
CA CYS A 19 7.28 -2.74 -4.25
C CYS A 19 8.29 -2.23 -3.23
N SER A 20 9.55 -2.24 -3.61
CA SER A 20 10.62 -1.78 -2.69
C SER A 20 10.52 -0.28 -2.48
N GLY A 21 10.91 0.18 -1.33
CA GLY A 21 10.84 1.64 -1.04
C GLY A 21 9.40 2.00 -0.67
N LEU A 22 8.48 1.11 -0.89
CA LEU A 22 7.05 1.42 -0.55
C LEU A 22 6.51 0.35 0.40
N LYS A 23 5.80 0.74 1.42
CA LYS A 23 5.22 -0.24 2.38
C LYS A 23 3.76 0.12 2.68
N CYS A 24 2.87 -0.83 2.60
CA CYS A 24 1.44 -0.52 2.86
C CYS A 24 1.23 -0.24 4.35
N LYS A 25 1.28 1.00 4.74
CA LYS A 25 1.08 1.36 6.17
C LYS A 25 -0.41 1.53 6.42
N GLU A 26 -0.92 0.92 7.46
CA GLU A 26 -2.37 1.01 7.76
C GLU A 26 -2.62 2.17 8.71
N LEU A 27 -3.50 3.07 8.34
CA LEU A 27 -3.80 4.22 9.23
C LEU A 27 -5.18 4.02 9.88
N SER A 28 -6.04 3.26 9.26
CA SER A 28 -7.39 3.03 9.85
C SER A 28 -8.12 1.91 9.07
N ILE A 29 -9.42 1.95 9.06
CA ILE A 29 -10.20 0.90 8.35
C ILE A 29 -9.93 0.95 6.84
N TRP A 30 -9.92 2.11 6.24
CA TRP A 30 -9.65 2.20 4.78
C TRP A 30 -8.73 3.38 4.46
N ASP A 31 -7.66 3.52 5.20
CA ASP A 31 -6.72 4.65 4.94
C ASP A 31 -5.31 4.09 4.87
N SER A 32 -5.16 2.96 4.26
CA SER A 32 -3.81 2.35 4.14
C SER A 32 -3.22 2.69 2.77
N ARG A 33 -1.96 3.04 2.72
CA ARG A 33 -1.33 3.39 1.41
C ARG A 33 0.11 2.88 1.37
N CYS A 34 0.59 2.45 0.22
CA CYS A 34 1.99 1.98 0.13
C CYS A 34 2.90 3.11 0.55
N LEU A 35 3.49 2.98 1.69
CA LEU A 35 4.39 4.06 2.20
C LEU A 35 5.59 3.44 2.92
N NH2 A 36 6.70 3.24 2.25
HN1 NH2 A 36 6.75 3.51 1.26
HN2 NH2 A 36 7.51 2.82 2.72
N GLY A 1 8.61 0.28 -11.71
CA GLY A 1 8.20 -0.88 -10.87
C GLY A 1 6.73 -1.22 -11.15
N GLY A 2 6.40 -2.48 -11.19
CA GLY A 2 4.98 -2.87 -11.47
C GLY A 2 4.23 -3.08 -10.16
N CYS A 3 4.51 -2.28 -9.17
CA CYS A 3 3.82 -2.41 -7.87
C CYS A 3 2.98 -1.17 -7.61
N LEU A 4 2.67 -0.94 -6.38
CA LEU A 4 1.86 0.22 -5.99
C LEU A 4 2.79 1.41 -5.70
N PRO A 5 2.65 2.49 -6.44
CA PRO A 5 3.47 3.71 -6.24
C PRO A 5 3.28 4.30 -4.84
N HIS A 6 4.29 4.94 -4.31
CA HIS A 6 4.20 5.53 -2.94
C HIS A 6 2.93 6.39 -2.79
N ASN A 7 2.09 6.04 -1.83
CA ASN A 7 0.84 6.83 -1.55
C ASN A 7 -0.39 6.26 -2.29
N ARG A 8 -0.31 5.07 -2.86
CA ARG A 8 -1.51 4.52 -3.56
C ARG A 8 -2.32 3.67 -2.56
N PHE A 9 -3.61 3.52 -2.82
CA PHE A 9 -4.48 2.73 -1.90
C PHE A 9 -4.04 1.27 -1.86
N CYS A 10 -3.87 0.73 -0.68
CA CYS A 10 -3.45 -0.69 -0.54
C CYS A 10 -4.02 -1.28 0.75
N ASN A 11 -4.46 -2.51 0.71
CA ASN A 11 -4.98 -3.15 1.95
C ASN A 11 -4.11 -4.37 2.25
N ALA A 12 -3.47 -4.39 3.37
CA ALA A 12 -2.59 -5.54 3.72
C ALA A 12 -3.36 -6.85 3.55
N LEU A 13 -4.67 -6.80 3.63
CA LEU A 13 -5.47 -8.06 3.49
C LEU A 13 -6.13 -8.16 2.11
N SER A 14 -6.32 -7.07 1.42
CA SER A 14 -6.97 -7.17 0.08
C SER A 14 -6.43 -6.10 -0.89
N GLY A 15 -5.31 -6.37 -1.53
CA GLY A 15 -4.77 -5.37 -2.48
C GLY A 15 -3.36 -5.79 -2.93
N PRO A 16 -2.91 -5.29 -4.05
CA PRO A 16 -1.55 -5.62 -4.58
C PRO A 16 -0.46 -5.30 -3.54
N ARG A 17 0.78 -5.62 -3.84
CA ARG A 17 1.87 -5.35 -2.88
C ARG A 17 2.74 -4.18 -3.38
N CYS A 18 3.23 -3.38 -2.49
CA CYS A 18 4.07 -2.22 -2.87
C CYS A 18 5.43 -2.72 -3.37
N CYS A 19 6.09 -1.96 -4.20
CA CYS A 19 7.43 -2.40 -4.69
C CYS A 19 8.46 -2.29 -3.56
N SER A 20 9.68 -2.53 -3.89
CA SER A 20 10.76 -2.46 -2.88
C SER A 20 11.01 -1.01 -2.51
N GLY A 21 11.22 -0.74 -1.25
CA GLY A 21 11.48 0.67 -0.83
C GLY A 21 10.18 1.33 -0.37
N LEU A 22 9.05 0.70 -0.65
CA LEU A 22 7.75 1.31 -0.23
C LEU A 22 7.16 0.44 0.89
N LYS A 23 6.32 0.98 1.70
CA LYS A 23 5.72 0.19 2.82
C LYS A 23 4.27 0.57 2.98
N CYS A 24 3.42 -0.40 2.93
CA CYS A 24 1.99 -0.15 3.07
C CYS A 24 1.68 0.30 4.50
N LYS A 25 1.63 1.60 4.73
CA LYS A 25 1.33 2.12 6.11
C LYS A 25 -0.17 2.26 6.30
N GLU A 26 -0.67 2.01 7.48
CA GLU A 26 -2.12 2.09 7.74
C GLU A 26 -2.52 3.49 8.21
N LEU A 27 -3.66 3.97 7.77
CA LEU A 27 -4.14 5.32 8.20
C LEU A 27 -5.40 5.18 9.05
N SER A 28 -6.17 4.14 8.87
CA SER A 28 -7.41 3.97 9.69
C SER A 28 -8.00 2.57 9.50
N ILE A 29 -9.29 2.45 9.62
CA ILE A 29 -9.95 1.12 9.46
C ILE A 29 -9.77 0.59 8.04
N TRP A 30 -9.96 1.42 7.05
CA TRP A 30 -9.81 0.96 5.64
C TRP A 30 -8.97 1.97 4.86
N ASP A 31 -8.01 2.59 5.49
CA ASP A 31 -7.16 3.59 4.78
C ASP A 31 -5.68 3.26 4.95
N SER A 32 -5.08 2.67 3.96
CA SER A 32 -3.63 2.35 4.05
C SER A 32 -3.01 2.60 2.68
N ARG A 33 -1.80 3.10 2.62
CA ARG A 33 -1.20 3.39 1.28
C ARG A 33 0.29 3.02 1.28
N CYS A 34 0.83 2.67 0.14
CA CYS A 34 2.28 2.31 0.11
C CYS A 34 3.07 3.53 0.56
N LEU A 35 3.66 3.46 1.71
CA LEU A 35 4.45 4.63 2.23
C LEU A 35 5.75 4.11 2.85
N NH2 A 36 6.55 4.94 3.44
HN1 NH2 A 36 7.43 4.59 3.85
HN2 NH2 A 36 6.32 5.94 3.48
N GLY A 1 5.30 -5.31 -11.27
CA GLY A 1 5.46 -4.16 -12.20
C GLY A 1 5.31 -2.85 -11.41
N GLY A 2 6.25 -2.54 -10.58
CA GLY A 2 6.16 -1.29 -9.78
C GLY A 2 5.19 -1.50 -8.63
N CYS A 3 4.50 -2.62 -8.60
CA CYS A 3 3.55 -2.87 -7.49
C CYS A 3 2.69 -1.64 -7.26
N LEU A 4 2.38 -1.39 -6.04
CA LEU A 4 1.56 -0.21 -5.71
C LEU A 4 2.49 1.00 -5.52
N PRO A 5 2.35 2.01 -6.34
CA PRO A 5 3.19 3.24 -6.27
C PRO A 5 3.09 3.94 -4.91
N HIS A 6 4.14 4.59 -4.51
CA HIS A 6 4.14 5.31 -3.20
C HIS A 6 2.91 6.22 -3.08
N ASN A 7 2.52 6.56 -1.86
CA ASN A 7 1.35 7.47 -1.67
C ASN A 7 0.07 6.90 -2.30
N ARG A 8 0.09 5.69 -2.77
CA ARG A 8 -1.16 5.11 -3.37
C ARG A 8 -1.88 4.27 -2.32
N PHE A 9 -3.18 4.15 -2.43
CA PHE A 9 -3.93 3.34 -1.43
C PHE A 9 -3.53 1.88 -1.56
N CYS A 10 -3.52 1.16 -0.46
CA CYS A 10 -3.12 -0.27 -0.51
C CYS A 10 -3.99 -1.07 0.47
N ASN A 11 -4.11 -2.35 0.25
CA ASN A 11 -4.93 -3.19 1.17
C ASN A 11 -4.00 -3.84 2.19
N ALA A 12 -3.59 -5.04 1.93
CA ALA A 12 -2.66 -5.75 2.85
C ALA A 12 -2.76 -7.25 2.58
N LEU A 13 -3.95 -7.75 2.36
CA LEU A 13 -4.13 -9.20 2.09
C LEU A 13 -5.21 -9.39 1.03
N SER A 14 -5.65 -8.31 0.42
CA SER A 14 -6.71 -8.42 -0.62
C SER A 14 -6.31 -7.58 -1.83
N GLY A 15 -5.26 -7.98 -2.51
CA GLY A 15 -4.79 -7.24 -3.70
C GLY A 15 -3.28 -7.07 -3.60
N PRO A 16 -2.67 -6.53 -4.62
CA PRO A 16 -1.20 -6.31 -4.66
C PRO A 16 -0.69 -5.50 -3.48
N ARG A 17 0.56 -5.62 -3.20
CA ARG A 17 1.20 -4.88 -2.10
C ARG A 17 2.24 -3.94 -2.70
N CYS A 18 2.82 -3.06 -1.92
CA CYS A 18 3.82 -2.14 -2.51
C CYS A 18 5.08 -2.89 -2.93
N CYS A 19 5.81 -2.37 -3.87
CA CYS A 19 7.04 -3.05 -4.32
C CYS A 19 8.13 -2.87 -3.27
N SER A 20 9.30 -3.26 -3.61
CA SER A 20 10.43 -3.09 -2.67
C SER A 20 10.80 -1.61 -2.61
N GLY A 21 10.95 -1.09 -1.43
CA GLY A 21 11.30 0.36 -1.30
C GLY A 21 10.09 1.14 -0.78
N LEU A 22 8.90 0.57 -0.81
CA LEU A 22 7.73 1.33 -0.30
C LEU A 22 7.09 0.53 0.84
N LYS A 23 6.11 1.08 1.51
CA LYS A 23 5.48 0.34 2.63
C LYS A 23 4.03 0.76 2.78
N CYS A 24 3.18 -0.11 3.23
CA CYS A 24 1.75 0.27 3.38
C CYS A 24 1.47 0.79 4.80
N LYS A 25 1.28 2.07 4.94
CA LYS A 25 0.98 2.67 6.28
C LYS A 25 -0.53 2.69 6.48
N GLU A 26 -0.99 2.40 7.67
CA GLU A 26 -2.44 2.43 7.93
C GLU A 26 -2.82 3.81 8.50
N LEU A 27 -3.63 4.54 7.80
CA LEU A 27 -4.05 5.88 8.29
C LEU A 27 -5.36 5.73 9.07
N SER A 28 -5.93 4.56 9.00
CA SER A 28 -7.19 4.28 9.74
C SER A 28 -7.49 2.78 9.58
N ILE A 29 -8.60 2.33 10.06
CA ILE A 29 -8.91 0.88 9.90
C ILE A 29 -9.10 0.57 8.41
N TRP A 30 -9.80 1.41 7.68
CA TRP A 30 -9.98 1.16 6.23
C TRP A 30 -9.12 2.12 5.40
N ASP A 31 -8.33 2.95 6.02
CA ASP A 31 -7.49 3.92 5.24
C ASP A 31 -6.01 3.51 5.29
N SER A 32 -5.41 3.25 4.15
CA SER A 32 -3.97 2.87 4.12
C SER A 32 -3.31 3.52 2.91
N ARG A 33 -2.03 3.85 2.98
CA ARG A 33 -1.34 4.49 1.83
C ARG A 33 0.08 3.94 1.75
N CYS A 34 0.60 3.73 0.57
CA CYS A 34 1.98 3.20 0.48
C CYS A 34 2.96 4.24 1.00
N LEU A 35 3.60 3.96 2.08
CA LEU A 35 4.60 4.92 2.64
C LEU A 35 5.99 4.27 2.67
N NH2 A 36 6.98 4.91 3.21
HN1 NH2 A 36 6.83 5.85 3.62
HN2 NH2 A 36 7.92 4.49 3.24
N GLY A 1 2.34 -7.27 -13.20
CA GLY A 1 2.06 -5.90 -13.71
C GLY A 1 2.82 -4.89 -12.87
N GLY A 2 2.23 -3.76 -12.61
CA GLY A 2 2.93 -2.72 -11.78
C GLY A 2 2.55 -2.89 -10.31
N CYS A 3 3.29 -2.27 -9.43
CA CYS A 3 2.98 -2.36 -7.97
C CYS A 3 2.21 -1.12 -7.56
N LEU A 4 2.21 -0.84 -6.29
CA LEU A 4 1.48 0.35 -5.79
C LEU A 4 2.46 1.53 -5.74
N PRO A 5 2.26 2.56 -6.54
CA PRO A 5 3.14 3.76 -6.54
C PRO A 5 3.21 4.45 -5.16
N HIS A 6 4.30 5.07 -4.85
CA HIS A 6 4.45 5.74 -3.52
C HIS A 6 3.20 6.60 -3.24
N ASN A 7 2.82 6.69 -1.98
CA ASN A 7 1.63 7.50 -1.61
C ASN A 7 0.37 7.02 -2.33
N ARG A 8 0.39 5.87 -2.94
CA ARG A 8 -0.85 5.39 -3.62
C ARG A 8 -1.69 4.59 -2.63
N PHE A 9 -2.95 4.50 -2.88
CA PHE A 9 -3.84 3.74 -1.97
C PHE A 9 -3.57 2.24 -2.08
N CYS A 10 -3.66 1.53 -0.99
CA CYS A 10 -3.42 0.06 -1.03
C CYS A 10 -4.26 -0.61 0.07
N ASN A 11 -4.22 -1.91 0.14
CA ASN A 11 -5.00 -2.62 1.19
C ASN A 11 -4.08 -2.89 2.37
N ALA A 12 -3.82 -4.13 2.68
CA ALA A 12 -2.91 -4.44 3.81
C ALA A 12 -3.06 -5.91 4.20
N LEU A 13 -4.28 -6.35 4.40
CA LEU A 13 -4.50 -7.78 4.77
C LEU A 13 -4.95 -8.54 3.52
N SER A 14 -5.56 -7.85 2.59
CA SER A 14 -6.02 -8.54 1.35
C SER A 14 -5.87 -7.61 0.14
N GLY A 15 -5.11 -8.01 -0.85
CA GLY A 15 -4.93 -7.17 -2.07
C GLY A 15 -3.45 -6.93 -2.32
N PRO A 16 -3.12 -6.38 -3.46
CA PRO A 16 -1.71 -6.06 -3.84
C PRO A 16 -1.02 -5.16 -2.83
N ARG A 17 0.27 -5.03 -2.95
CA ARG A 17 1.03 -4.20 -2.01
C ARG A 17 2.16 -3.48 -2.75
N CYS A 18 2.75 -2.50 -2.14
CA CYS A 18 3.84 -1.77 -2.82
C CYS A 18 5.00 -2.70 -3.12
N CYS A 19 5.79 -2.37 -4.10
CA CYS A 19 6.94 -3.22 -4.43
C CYS A 19 8.05 -3.01 -3.39
N SER A 20 9.20 -3.52 -3.67
CA SER A 20 10.33 -3.36 -2.71
C SER A 20 10.77 -1.91 -2.65
N GLY A 21 11.07 -1.43 -1.48
CA GLY A 21 11.51 -0.02 -1.33
C GLY A 21 10.35 0.84 -0.82
N LEU A 22 9.12 0.39 -0.97
CA LEU A 22 7.98 1.21 -0.48
C LEU A 22 7.26 0.41 0.60
N LYS A 23 6.33 0.99 1.31
CA LYS A 23 5.63 0.21 2.36
C LYS A 23 4.20 0.74 2.53
N CYS A 24 3.23 -0.12 2.61
CA CYS A 24 1.83 0.37 2.77
C CYS A 24 1.53 0.65 4.23
N LYS A 25 1.26 1.89 4.55
CA LYS A 25 0.96 2.28 5.94
C LYS A 25 -0.54 2.19 6.16
N GLU A 26 -0.99 1.24 6.93
CA GLU A 26 -2.43 1.10 7.18
C GLU A 26 -2.83 1.94 8.38
N LEU A 27 -3.76 2.83 8.21
CA LEU A 27 -4.21 3.69 9.34
C LEU A 27 -5.52 3.13 9.87
N SER A 28 -6.21 2.35 9.07
CA SER A 28 -7.49 1.74 9.52
C SER A 28 -8.01 0.78 8.44
N ILE A 29 -9.28 0.47 8.48
CA ILE A 29 -9.85 -0.47 7.46
C ILE A 29 -9.81 0.18 6.08
N TRP A 30 -9.98 1.48 6.01
CA TRP A 30 -10.01 2.15 4.68
C TRP A 30 -9.07 3.36 4.66
N ASP A 31 -7.96 3.29 5.35
CA ASP A 31 -7.00 4.42 5.33
C ASP A 31 -5.58 3.85 5.30
N SER A 32 -5.13 3.43 4.15
CA SER A 32 -3.75 2.86 4.03
C SER A 32 -3.09 3.45 2.77
N ARG A 33 -1.84 3.84 2.83
CA ARG A 33 -1.20 4.41 1.60
C ARG A 33 0.26 3.99 1.55
N CYS A 34 0.81 3.86 0.38
CA CYS A 34 2.23 3.44 0.27
C CYS A 34 3.15 4.48 0.90
N LEU A 35 3.79 4.10 1.97
CA LEU A 35 4.73 5.02 2.66
C LEU A 35 6.05 4.29 2.92
N NH2 A 36 7.07 4.52 2.14
HN1 NH2 A 36 7.96 4.03 2.29
HN2 NH2 A 36 6.98 5.20 1.36
N GLY A 1 1.95 -5.42 -11.29
CA GLY A 1 2.18 -4.35 -12.31
C GLY A 1 2.86 -3.15 -11.65
N GLY A 2 4.08 -3.31 -11.23
CA GLY A 2 4.80 -2.18 -10.57
C GLY A 2 4.30 -2.03 -9.13
N CYS A 3 3.63 -3.01 -8.63
CA CYS A 3 3.12 -2.91 -7.24
C CYS A 3 2.32 -1.63 -7.07
N LEU A 4 2.31 -1.12 -5.88
CA LEU A 4 1.55 0.12 -5.60
C LEU A 4 2.49 1.34 -5.74
N PRO A 5 2.12 2.34 -6.51
CA PRO A 5 2.94 3.58 -6.66
C PRO A 5 3.24 4.22 -5.29
N HIS A 6 4.26 5.03 -5.21
CA HIS A 6 4.62 5.66 -3.91
C HIS A 6 3.37 6.24 -3.22
N ASN A 7 3.25 6.03 -1.93
CA ASN A 7 2.10 6.55 -1.16
C ASN A 7 0.77 6.43 -1.92
N ARG A 8 0.54 5.35 -2.61
CA ARG A 8 -0.78 5.20 -3.31
C ARG A 8 -1.71 4.42 -2.38
N PHE A 9 -2.97 4.32 -2.71
CA PHE A 9 -3.91 3.59 -1.82
C PHE A 9 -3.68 2.07 -1.92
N CYS A 10 -3.73 1.39 -0.80
CA CYS A 10 -3.54 -0.09 -0.81
C CYS A 10 -4.35 -0.69 0.36
N ASN A 11 -4.48 -1.99 0.41
CA ASN A 11 -5.24 -2.62 1.51
C ASN A 11 -4.35 -3.62 2.25
N ALA A 12 -3.96 -3.29 3.45
CA ALA A 12 -3.09 -4.21 4.24
C ALA A 12 -3.77 -5.57 4.37
N LEU A 13 -5.07 -5.60 4.14
CA LEU A 13 -5.82 -6.88 4.28
C LEU A 13 -5.83 -7.61 2.93
N SER A 14 -6.68 -7.21 2.02
CA SER A 14 -6.74 -7.90 0.69
C SER A 14 -6.41 -6.89 -0.41
N GLY A 15 -5.38 -7.14 -1.16
CA GLY A 15 -5.01 -6.21 -2.26
C GLY A 15 -3.48 -6.11 -2.33
N PRO A 16 -2.94 -5.82 -3.49
CA PRO A 16 -1.47 -5.69 -3.69
C PRO A 16 -0.82 -4.71 -2.73
N ARG A 17 0.47 -4.79 -2.62
CA ARG A 17 1.24 -3.89 -1.73
C ARG A 17 2.24 -3.11 -2.59
N CYS A 18 3.12 -2.36 -1.98
CA CYS A 18 4.10 -1.58 -2.79
C CYS A 18 5.26 -2.45 -3.25
N CYS A 19 6.01 -1.94 -4.17
CA CYS A 19 7.18 -2.69 -4.68
C CYS A 19 8.30 -2.57 -3.65
N SER A 20 9.48 -2.95 -4.03
CA SER A 20 10.62 -2.87 -3.08
C SER A 20 10.98 -1.41 -2.82
N GLY A 21 11.33 -1.10 -1.61
CA GLY A 21 11.71 0.29 -1.27
C GLY A 21 10.51 1.03 -0.65
N LEU A 22 9.31 0.54 -0.83
CA LEU A 22 8.13 1.27 -0.23
C LEU A 22 7.29 0.29 0.61
N LYS A 23 6.47 0.80 1.49
CA LYS A 23 5.63 -0.08 2.36
C LYS A 23 4.24 0.53 2.54
N CYS A 24 3.24 -0.27 2.78
CA CYS A 24 1.87 0.27 2.94
C CYS A 24 1.55 0.62 4.41
N LYS A 25 1.27 1.88 4.67
CA LYS A 25 0.90 2.30 6.04
C LYS A 25 -0.61 2.20 6.18
N GLU A 26 -1.11 1.84 7.33
CA GLU A 26 -2.59 1.77 7.50
C GLU A 26 -3.11 3.11 8.00
N LEU A 27 -4.08 3.69 7.33
CA LEU A 27 -4.64 4.99 7.78
C LEU A 27 -5.94 4.78 8.57
N SER A 28 -6.50 3.61 8.49
CA SER A 28 -7.77 3.33 9.22
C SER A 28 -8.04 1.83 9.18
N ILE A 29 -9.28 1.43 9.33
CA ILE A 29 -9.57 -0.02 9.31
C ILE A 29 -9.30 -0.58 7.90
N TRP A 30 -9.72 0.09 6.85
CA TRP A 30 -9.46 -0.43 5.48
C TRP A 30 -8.67 0.58 4.63
N ASP A 31 -8.01 1.54 5.23
CA ASP A 31 -7.23 2.53 4.41
C ASP A 31 -5.73 2.37 4.66
N SER A 32 -4.95 2.29 3.61
CA SER A 32 -3.47 2.15 3.76
C SER A 32 -2.78 2.79 2.54
N ARG A 33 -1.53 3.20 2.65
CA ARG A 33 -0.85 3.79 1.45
C ARG A 33 0.60 3.33 1.36
N CYS A 34 1.04 3.04 0.16
CA CYS A 34 2.44 2.58 -0.05
C CYS A 34 3.43 3.71 0.29
N LEU A 35 4.02 3.66 1.44
CA LEU A 35 5.01 4.71 1.80
C LEU A 35 6.42 4.16 1.61
N NH2 A 36 6.88 3.30 2.47
HN1 NH2 A 36 6.29 2.99 3.25
HN2 NH2 A 36 7.83 2.91 2.35
N GLY A 1 5.92 3.30 -9.13
CA GLY A 1 6.14 2.42 -10.32
C GLY A 1 6.26 0.97 -9.87
N GLY A 2 5.82 0.04 -10.67
CA GLY A 2 5.92 -1.39 -10.27
C GLY A 2 5.10 -1.58 -9.00
N CYS A 3 4.51 -2.74 -8.79
CA CYS A 3 3.72 -2.92 -7.55
C CYS A 3 2.82 -1.70 -7.36
N LEU A 4 2.53 -1.40 -6.14
CA LEU A 4 1.68 -0.23 -5.86
C LEU A 4 2.58 1.01 -5.75
N PRO A 5 2.33 2.03 -6.55
CA PRO A 5 3.14 3.28 -6.54
C PRO A 5 3.18 3.97 -5.16
N HIS A 6 4.25 4.64 -4.89
CA HIS A 6 4.43 5.32 -3.58
C HIS A 6 3.18 6.13 -3.19
N ASN A 7 2.74 5.96 -1.96
CA ASN A 7 1.57 6.72 -1.44
C ASN A 7 0.28 6.46 -2.26
N ARG A 8 0.12 5.30 -2.83
CA ARG A 8 -1.13 5.03 -3.58
C ARG A 8 -2.07 4.26 -2.65
N PHE A 9 -3.30 4.09 -3.02
CA PHE A 9 -4.25 3.36 -2.14
C PHE A 9 -3.84 1.88 -2.08
N CYS A 10 -3.77 1.32 -0.90
CA CYS A 10 -3.38 -0.10 -0.74
C CYS A 10 -4.15 -0.71 0.44
N ASN A 11 -4.08 -2.01 0.59
CA ASN A 11 -4.77 -2.68 1.72
C ASN A 11 -3.77 -3.58 2.42
N ALA A 12 -3.70 -3.54 3.72
CA ALA A 12 -2.73 -4.41 4.44
C ALA A 12 -2.94 -5.87 4.05
N LEU A 13 -4.17 -6.31 4.07
CA LEU A 13 -4.47 -7.74 3.76
C LEU A 13 -5.03 -7.91 2.33
N SER A 14 -5.22 -6.84 1.59
CA SER A 14 -5.79 -7.01 0.21
C SER A 14 -5.08 -6.08 -0.79
N GLY A 15 -5.52 -6.08 -2.02
CA GLY A 15 -4.89 -5.20 -3.03
C GLY A 15 -3.45 -5.64 -3.29
N PRO A 16 -2.86 -5.17 -4.36
CA PRO A 16 -1.47 -5.51 -4.73
C PRO A 16 -0.47 -5.15 -3.62
N ARG A 17 0.70 -5.69 -3.70
CA ARG A 17 1.73 -5.43 -2.68
C ARG A 17 2.63 -4.29 -3.13
N CYS A 18 3.07 -3.45 -2.22
CA CYS A 18 3.94 -2.33 -2.61
C CYS A 18 5.29 -2.84 -3.11
N CYS A 19 5.97 -2.08 -3.92
CA CYS A 19 7.29 -2.53 -4.44
C CYS A 19 8.36 -2.37 -3.36
N SER A 20 9.59 -2.52 -3.76
CA SER A 20 10.70 -2.39 -2.78
C SER A 20 10.87 -0.91 -2.41
N GLY A 21 11.08 -0.65 -1.15
CA GLY A 21 11.26 0.76 -0.70
C GLY A 21 9.91 1.35 -0.29
N LEU A 22 8.82 0.71 -0.65
CA LEU A 22 7.49 1.27 -0.26
C LEU A 22 6.84 0.33 0.76
N LYS A 23 5.90 0.80 1.52
CA LYS A 23 5.25 -0.07 2.54
C LYS A 23 3.79 0.35 2.71
N CYS A 24 2.89 -0.59 2.69
CA CYS A 24 1.44 -0.24 2.86
C CYS A 24 1.11 -0.07 4.35
N LYS A 25 1.13 1.14 4.83
CA LYS A 25 0.83 1.40 6.26
C LYS A 25 -0.67 1.63 6.43
N GLU A 26 -1.17 1.42 7.61
CA GLU A 26 -2.62 1.60 7.86
C GLU A 26 -2.88 3.05 8.25
N LEU A 27 -3.72 3.74 7.53
CA LEU A 27 -4.04 5.16 7.87
C LEU A 27 -5.31 5.19 8.72
N SER A 28 -6.01 4.09 8.81
CA SER A 28 -7.25 4.05 9.63
C SER A 28 -7.79 2.61 9.63
N ILE A 29 -9.06 2.44 9.87
CA ILE A 29 -9.64 1.07 9.91
C ILE A 29 -9.50 0.43 8.52
N TRP A 30 -9.91 1.13 7.49
CA TRP A 30 -9.83 0.55 6.11
C TRP A 30 -9.08 1.49 5.16
N ASP A 31 -8.20 2.33 5.66
CA ASP A 31 -7.45 3.27 4.76
C ASP A 31 -5.96 2.98 4.87
N SER A 32 -5.34 2.49 3.82
CA SER A 32 -3.88 2.21 3.88
C SER A 32 -3.23 2.65 2.57
N ARG A 33 -1.98 3.05 2.58
CA ARG A 33 -1.33 3.49 1.31
C ARG A 33 0.11 2.98 1.27
N CYS A 34 0.59 2.57 0.12
CA CYS A 34 2.00 2.09 0.04
C CYS A 34 2.94 3.25 0.34
N LEU A 35 3.57 3.22 1.47
CA LEU A 35 4.53 4.32 1.82
C LEU A 35 5.93 3.89 1.42
N NH2 A 36 6.81 3.65 2.35
HN1 NH2 A 36 7.77 3.35 2.09
HN2 NH2 A 36 6.56 3.76 3.34
N GLY A 1 -1.72 -2.35 -11.48
CA GLY A 1 -1.11 -3.70 -11.66
C GLY A 1 0.29 -3.70 -11.03
N GLY A 2 1.01 -4.77 -11.15
CA GLY A 2 2.38 -4.82 -10.53
C GLY A 2 2.24 -4.42 -9.07
N CYS A 3 3.11 -3.56 -8.59
CA CYS A 3 3.02 -3.14 -7.17
C CYS A 3 2.34 -1.77 -7.10
N LEU A 4 2.45 -1.14 -5.99
CA LEU A 4 1.84 0.18 -5.78
C LEU A 4 2.94 1.24 -5.69
N PRO A 5 2.94 2.25 -6.54
CA PRO A 5 3.95 3.34 -6.49
C PRO A 5 3.92 4.07 -5.14
N HIS A 6 5.04 4.59 -4.72
CA HIS A 6 5.09 5.31 -3.42
C HIS A 6 3.87 6.23 -3.29
N ASN A 7 3.18 6.14 -2.18
CA ASN A 7 1.98 6.99 -1.93
C ASN A 7 0.72 6.49 -2.66
N ARG A 8 0.66 5.26 -3.09
CA ARG A 8 -0.59 4.79 -3.77
C ARG A 8 -1.40 3.95 -2.77
N PHE A 9 -2.64 3.65 -3.07
CA PHE A 9 -3.49 2.87 -2.11
C PHE A 9 -2.91 1.46 -1.90
N CYS A 10 -2.53 1.14 -0.68
CA CYS A 10 -2.00 -0.22 -0.37
C CYS A 10 -3.07 -1.03 0.33
N ASN A 11 -3.05 -2.32 0.17
CA ASN A 11 -4.08 -3.15 0.85
C ASN A 11 -3.42 -4.43 1.39
N ALA A 12 -2.91 -4.37 2.59
CA ALA A 12 -2.24 -5.57 3.17
C ALA A 12 -3.19 -6.77 3.15
N LEU A 13 -4.47 -6.53 3.26
CA LEU A 13 -5.44 -7.67 3.30
C LEU A 13 -5.98 -7.97 1.89
N SER A 14 -6.89 -7.18 1.40
CA SER A 14 -7.47 -7.45 0.05
C SER A 14 -6.99 -6.41 -0.96
N GLY A 15 -6.34 -6.84 -2.01
CA GLY A 15 -5.86 -5.87 -3.05
C GLY A 15 -4.37 -6.11 -3.33
N PRO A 16 -3.85 -5.44 -4.32
CA PRO A 16 -2.40 -5.55 -4.72
C PRO A 16 -1.45 -5.30 -3.54
N ARG A 17 -0.16 -5.27 -3.78
CA ARG A 17 0.81 -5.04 -2.68
C ARG A 17 1.89 -4.03 -3.09
N CYS A 18 2.50 -3.38 -2.13
CA CYS A 18 3.54 -2.37 -2.43
C CYS A 18 4.86 -3.06 -2.78
N CYS A 19 5.71 -2.38 -3.51
CA CYS A 19 7.02 -2.99 -3.89
C CYS A 19 8.14 -2.49 -2.97
N SER A 20 9.36 -2.64 -3.39
CA SER A 20 10.53 -2.21 -2.57
C SER A 20 10.55 -0.69 -2.43
N GLY A 21 11.02 -0.21 -1.30
CA GLY A 21 11.09 1.25 -1.08
C GLY A 21 9.72 1.79 -0.69
N LEU A 22 8.71 0.95 -0.68
CA LEU A 22 7.34 1.42 -0.32
C LEU A 22 6.82 0.62 0.87
N LYS A 23 6.03 1.22 1.71
CA LYS A 23 5.47 0.49 2.89
C LYS A 23 3.99 0.84 3.05
N CYS A 24 3.17 -0.13 3.33
CA CYS A 24 1.72 0.15 3.49
C CYS A 24 1.45 0.86 4.82
N LYS A 25 1.12 2.12 4.76
CA LYS A 25 0.84 2.93 5.99
C LYS A 25 -0.65 2.85 6.30
N GLU A 26 -1.03 3.11 7.51
CA GLU A 26 -2.45 3.05 7.90
C GLU A 26 -3.15 4.40 7.74
N LEU A 27 -4.31 4.41 7.17
CA LEU A 27 -5.09 5.67 7.04
C LEU A 27 -6.26 5.59 8.03
N SER A 28 -6.61 4.39 8.39
CA SER A 28 -7.72 4.15 9.37
C SER A 28 -7.71 2.69 9.77
N ILE A 29 -8.83 2.17 10.17
CA ILE A 29 -8.86 0.74 10.58
C ILE A 29 -8.56 -0.17 9.36
N TRP A 30 -9.21 0.08 8.24
CA TRP A 30 -8.99 -0.76 7.04
C TRP A 30 -8.35 0.04 5.91
N ASP A 31 -8.09 1.30 6.14
CA ASP A 31 -7.50 2.15 5.05
C ASP A 31 -5.98 2.28 5.22
N SER A 32 -5.25 2.13 4.15
CA SER A 32 -3.76 2.20 4.23
C SER A 32 -3.20 2.73 2.88
N ARG A 33 -1.95 3.14 2.84
CA ARG A 33 -1.37 3.64 1.54
C ARG A 33 0.11 3.21 1.43
N CYS A 34 0.56 2.74 0.29
CA CYS A 34 2.00 2.33 0.19
C CYS A 34 2.88 3.54 0.48
N LEU A 35 3.53 3.51 1.60
CA LEU A 35 4.44 4.64 1.96
C LEU A 35 5.58 4.12 2.84
N NH2 A 36 6.71 3.79 2.29
HN1 NH2 A 36 6.84 3.88 1.27
HN2 NH2 A 36 7.48 3.44 2.86
N GLY A 1 5.36 -6.62 -12.87
CA GLY A 1 5.59 -6.06 -11.51
C GLY A 1 5.01 -4.65 -11.44
N GLY A 2 5.46 -3.85 -10.50
CA GLY A 2 4.94 -2.46 -10.38
C GLY A 2 4.21 -2.30 -9.03
N CYS A 3 3.56 -3.33 -8.55
CA CYS A 3 2.85 -3.22 -7.25
C CYS A 3 2.12 -1.88 -7.15
N LEU A 4 1.89 -1.43 -5.96
CA LEU A 4 1.20 -0.14 -5.75
C LEU A 4 2.25 0.98 -5.67
N PRO A 5 2.07 2.03 -6.45
CA PRO A 5 3.00 3.19 -6.47
C PRO A 5 3.14 3.88 -5.09
N HIS A 6 4.22 4.58 -4.90
CA HIS A 6 4.48 5.29 -3.61
C HIS A 6 3.27 6.16 -3.21
N ASN A 7 2.84 6.02 -1.98
CA ASN A 7 1.70 6.83 -1.46
C ASN A 7 0.37 6.42 -2.10
N ARG A 8 0.22 5.21 -2.56
CA ARG A 8 -1.08 4.78 -3.14
C ARG A 8 -1.80 3.92 -2.11
N PHE A 9 -3.10 3.97 -2.09
CA PHE A 9 -3.84 3.19 -1.06
C PHE A 9 -3.59 1.68 -1.23
N CYS A 10 -3.25 1.01 -0.16
CA CYS A 10 -2.99 -0.46 -0.22
C CYS A 10 -3.66 -1.18 0.94
N ASN A 11 -3.42 -2.45 1.06
CA ASN A 11 -4.00 -3.25 2.17
C ASN A 11 -2.89 -4.05 2.82
N ALA A 12 -2.62 -5.20 2.29
CA ALA A 12 -1.56 -6.09 2.83
C ALA A 12 -1.93 -7.54 2.54
N LEU A 13 -3.10 -7.95 2.99
CA LEU A 13 -3.55 -9.35 2.77
C LEU A 13 -4.59 -9.38 1.64
N SER A 14 -4.93 -8.24 1.09
CA SER A 14 -5.95 -8.23 -0.01
C SER A 14 -5.55 -7.23 -1.10
N GLY A 15 -5.94 -7.50 -2.32
CA GLY A 15 -5.62 -6.58 -3.43
C GLY A 15 -4.10 -6.54 -3.64
N PRO A 16 -3.67 -5.74 -4.58
CA PRO A 16 -2.22 -5.57 -4.91
C PRO A 16 -1.40 -5.16 -3.69
N ARG A 17 -0.12 -5.32 -3.77
CA ARG A 17 0.77 -4.97 -2.64
C ARG A 17 1.65 -3.78 -3.03
N CYS A 18 2.47 -3.32 -2.12
CA CYS A 18 3.36 -2.19 -2.40
C CYS A 18 4.71 -2.73 -2.90
N CYS A 19 5.30 -2.10 -3.88
CA CYS A 19 6.60 -2.61 -4.42
C CYS A 19 7.74 -2.35 -3.43
N SER A 20 8.93 -2.53 -3.90
CA SER A 20 10.12 -2.33 -3.03
C SER A 20 10.30 -0.86 -2.70
N GLY A 21 10.82 -0.57 -1.53
CA GLY A 21 11.04 0.83 -1.12
C GLY A 21 9.73 1.44 -0.63
N LEU A 22 8.63 0.72 -0.72
CA LEU A 22 7.34 1.31 -0.26
C LEU A 22 6.92 0.67 1.07
N LYS A 23 6.08 1.36 1.83
CA LYS A 23 5.63 0.82 3.15
C LYS A 23 4.10 0.98 3.30
N CYS A 24 3.36 -0.10 3.24
CA CYS A 24 1.87 0.02 3.38
C CYS A 24 1.50 0.31 4.83
N LYS A 25 1.44 1.56 5.19
CA LYS A 25 1.08 1.95 6.59
C LYS A 25 -0.43 2.13 6.72
N GLU A 26 -1.00 1.67 7.81
CA GLU A 26 -2.47 1.80 8.00
C GLU A 26 -2.79 3.11 8.75
N LEU A 27 -3.74 3.88 8.26
CA LEU A 27 -4.10 5.15 8.95
C LEU A 27 -5.50 5.01 9.57
N SER A 28 -6.29 4.10 9.06
CA SER A 28 -7.66 3.91 9.62
C SER A 28 -8.22 2.60 9.08
N ILE A 29 -9.52 2.50 9.04
CA ILE A 29 -10.13 1.24 8.54
C ILE A 29 -9.87 1.14 7.03
N TRP A 30 -10.06 2.21 6.30
CA TRP A 30 -9.82 2.18 4.84
C TRP A 30 -8.69 3.15 4.46
N ASP A 31 -8.01 3.70 5.42
CA ASP A 31 -6.92 4.66 5.09
C ASP A 31 -5.57 3.95 5.18
N SER A 32 -5.02 3.61 4.05
CA SER A 32 -3.69 2.93 4.02
C SER A 32 -2.92 3.47 2.83
N ARG A 33 -1.62 3.59 2.90
CA ARG A 33 -0.88 4.16 1.73
C ARG A 33 0.45 3.42 1.57
N CYS A 34 0.83 3.07 0.37
CA CYS A 34 2.13 2.37 0.18
C CYS A 34 3.26 3.35 0.48
N LEU A 35 3.89 3.18 1.60
CA LEU A 35 5.01 4.08 2.01
C LEU A 35 4.46 5.18 2.89
N NH2 A 36 5.29 6.00 3.45
HN1 NH2 A 36 4.95 6.74 4.07
HN2 NH2 A 36 6.31 5.89 3.28
N GLY A 1 -1.40 -3.63 -11.97
CA GLY A 1 -0.30 -3.83 -12.95
C GLY A 1 0.89 -4.49 -12.26
N GLY A 2 1.64 -3.74 -11.49
CA GLY A 2 2.81 -4.30 -10.77
C GLY A 2 2.61 -4.10 -9.27
N CYS A 3 3.59 -3.57 -8.59
CA CYS A 3 3.43 -3.35 -7.13
C CYS A 3 2.52 -2.14 -6.93
N LEU A 4 2.38 -1.69 -5.71
CA LEU A 4 1.52 -0.52 -5.44
C LEU A 4 2.40 0.75 -5.42
N PRO A 5 2.13 1.71 -6.27
CA PRO A 5 2.91 2.98 -6.29
C PRO A 5 2.83 3.72 -4.95
N HIS A 6 3.84 4.44 -4.60
CA HIS A 6 3.82 5.17 -3.30
C HIS A 6 2.53 5.99 -3.17
N ASN A 7 2.08 6.22 -1.96
CA ASN A 7 0.85 7.03 -1.73
C ASN A 7 -0.41 6.36 -2.32
N ARG A 8 -0.30 5.17 -2.83
CA ARG A 8 -1.51 4.49 -3.40
C ARG A 8 -2.18 3.65 -2.32
N PHE A 9 -3.43 3.32 -2.49
CA PHE A 9 -4.13 2.50 -1.46
C PHE A 9 -3.48 1.12 -1.35
N CYS A 10 -3.47 0.55 -0.17
CA CYS A 10 -2.87 -0.80 0.00
C CYS A 10 -3.73 -1.62 0.95
N ASN A 11 -4.10 -2.79 0.53
CA ASN A 11 -4.96 -3.66 1.38
C ASN A 11 -4.10 -4.74 2.02
N ALA A 12 -2.80 -4.65 1.84
CA ALA A 12 -1.85 -5.68 2.39
C ALA A 12 -2.57 -7.02 2.57
N LEU A 13 -3.60 -7.23 1.79
CA LEU A 13 -4.38 -8.48 1.88
C LEU A 13 -4.97 -8.78 0.50
N SER A 14 -5.43 -7.76 -0.19
CA SER A 14 -6.04 -7.95 -1.54
C SER A 14 -5.35 -7.05 -2.56
N GLY A 15 -5.43 -7.43 -3.81
CA GLY A 15 -4.79 -6.61 -4.87
C GLY A 15 -3.28 -6.67 -4.73
N PRO A 16 -2.57 -6.06 -5.64
CA PRO A 16 -1.08 -6.02 -5.62
C PRO A 16 -0.52 -5.51 -4.30
N ARG A 17 0.77 -5.62 -4.11
CA ARG A 17 1.41 -5.16 -2.86
C ARG A 17 2.42 -4.07 -3.18
N CYS A 18 2.84 -3.31 -2.20
CA CYS A 18 3.85 -2.26 -2.45
C CYS A 18 5.20 -2.95 -2.70
N CYS A 19 6.03 -2.38 -3.53
CA CYS A 19 7.35 -3.02 -3.80
C CYS A 19 8.40 -2.52 -2.82
N SER A 20 9.65 -2.69 -3.15
CA SER A 20 10.74 -2.23 -2.24
C SER A 20 10.77 -0.71 -2.22
N GLY A 21 11.04 -0.15 -1.07
CA GLY A 21 11.08 1.34 -0.96
C GLY A 21 9.71 1.85 -0.54
N LEU A 22 8.70 1.01 -0.60
CA LEU A 22 7.33 1.45 -0.19
C LEU A 22 6.82 0.56 0.95
N LYS A 23 5.90 1.05 1.74
CA LYS A 23 5.37 0.22 2.87
C LYS A 23 3.88 0.48 3.04
N CYS A 24 3.08 -0.54 3.16
CA CYS A 24 1.61 -0.32 3.33
C CYS A 24 1.33 0.14 4.76
N LYS A 25 1.42 1.42 5.02
CA LYS A 25 1.16 1.92 6.39
C LYS A 25 -0.32 2.26 6.55
N GLU A 26 -0.87 2.07 7.71
CA GLU A 26 -2.29 2.37 7.95
C GLU A 26 -2.44 3.84 8.38
N LEU A 27 -3.44 4.52 7.89
CA LEU A 27 -3.64 5.95 8.26
C LEU A 27 -4.81 6.07 9.26
N SER A 28 -5.69 5.11 9.28
CA SER A 28 -6.84 5.19 10.22
C SER A 28 -7.54 3.83 10.28
N ILE A 29 -8.80 3.82 10.61
CA ILE A 29 -9.55 2.53 10.69
C ILE A 29 -9.62 1.86 9.32
N TRP A 30 -9.92 2.59 8.28
CA TRP A 30 -10.03 1.98 6.93
C TRP A 30 -9.11 2.71 5.93
N ASP A 31 -8.19 3.51 6.39
CA ASP A 31 -7.29 4.24 5.45
C ASP A 31 -5.88 3.62 5.48
N SER A 32 -5.44 3.06 4.38
CA SER A 32 -4.08 2.45 4.32
C SER A 32 -3.45 2.80 2.97
N ARG A 33 -2.20 3.17 2.94
CA ARG A 33 -1.57 3.51 1.62
C ARG A 33 -0.12 3.02 1.59
N CYS A 34 0.35 2.61 0.43
CA CYS A 34 1.77 2.16 0.36
C CYS A 34 2.65 3.34 0.69
N LEU A 35 3.28 3.31 1.82
CA LEU A 35 4.17 4.45 2.23
C LEU A 35 5.62 4.01 2.13
N NH2 A 36 6.47 4.36 3.05
HN1 NH2 A 36 6.17 4.93 3.84
HN2 NH2 A 36 7.46 4.05 2.98
N GLY A 1 0.03 -7.49 -12.08
CA GLY A 1 1.45 -7.29 -12.47
C GLY A 1 1.91 -5.90 -12.04
N GLY A 2 2.29 -5.75 -10.80
CA GLY A 2 2.76 -4.42 -10.33
C GLY A 2 2.48 -4.27 -8.83
N CYS A 3 2.70 -3.10 -8.31
CA CYS A 3 2.46 -2.87 -6.85
C CYS A 3 1.79 -1.52 -6.67
N LEU A 4 1.86 -0.99 -5.49
CA LEU A 4 1.24 0.32 -5.24
C LEU A 4 2.29 1.43 -5.34
N PRO A 5 2.10 2.38 -6.22
CA PRO A 5 3.05 3.53 -6.36
C PRO A 5 3.24 4.29 -5.05
N HIS A 6 4.36 4.91 -4.86
CA HIS A 6 4.61 5.65 -3.59
C HIS A 6 3.37 6.47 -3.19
N ASN A 7 2.98 6.35 -1.94
CA ASN A 7 1.80 7.10 -1.42
C ASN A 7 0.49 6.73 -2.15
N ARG A 8 0.30 5.50 -2.54
CA ARG A 8 -0.99 5.12 -3.23
C ARG A 8 -1.87 4.30 -2.27
N PHE A 9 -3.16 4.43 -2.41
CA PHE A 9 -4.12 3.71 -1.51
C PHE A 9 -3.95 2.19 -1.63
N CYS A 10 -3.93 1.51 -0.51
CA CYS A 10 -3.78 0.03 -0.53
C CYS A 10 -4.32 -0.57 0.77
N ASN A 11 -4.40 -1.87 0.86
CA ASN A 11 -4.89 -2.52 2.11
C ASN A 11 -3.82 -3.53 2.53
N ALA A 12 -3.09 -3.24 3.58
CA ALA A 12 -2.04 -4.19 4.03
C ALA A 12 -2.66 -5.58 4.18
N LEU A 13 -3.96 -5.62 4.24
CA LEU A 13 -4.68 -6.90 4.41
C LEU A 13 -5.23 -7.41 3.06
N SER A 14 -6.28 -6.81 2.57
CA SER A 14 -6.88 -7.29 1.27
C SER A 14 -6.50 -6.40 0.10
N GLY A 15 -5.54 -6.80 -0.68
CA GLY A 15 -5.14 -5.99 -1.87
C GLY A 15 -3.62 -5.85 -1.93
N PRO A 16 -3.08 -5.63 -3.10
CA PRO A 16 -1.60 -5.46 -3.30
C PRO A 16 -1.00 -4.41 -2.38
N ARG A 17 0.29 -4.44 -2.24
CA ARG A 17 1.01 -3.47 -1.37
C ARG A 17 2.03 -2.73 -2.23
N CYS A 18 2.84 -1.89 -1.64
CA CYS A 18 3.85 -1.16 -2.45
C CYS A 18 4.84 -2.12 -3.07
N CYS A 19 5.51 -1.69 -4.10
CA CYS A 19 6.51 -2.55 -4.74
C CYS A 19 7.66 -2.76 -3.76
N SER A 20 8.71 -3.35 -4.22
CA SER A 20 9.88 -3.58 -3.32
C SER A 20 10.55 -2.25 -3.03
N GLY A 21 11.02 -2.08 -1.83
CA GLY A 21 11.69 -0.79 -1.48
C GLY A 21 10.73 0.10 -0.69
N LEU A 22 9.44 -0.10 -0.79
CA LEU A 22 8.50 0.77 -0.02
C LEU A 22 7.50 -0.10 0.72
N LYS A 23 6.57 0.50 1.42
CA LYS A 23 5.56 -0.29 2.18
C LYS A 23 4.22 0.39 2.12
N CYS A 24 3.29 -0.10 2.89
CA CYS A 24 1.94 0.50 2.92
C CYS A 24 1.50 0.80 4.36
N LYS A 25 1.32 2.05 4.68
CA LYS A 25 0.88 2.43 6.06
C LYS A 25 -0.65 2.41 6.10
N GLU A 26 -1.23 1.84 7.13
CA GLU A 26 -2.70 1.75 7.21
C GLU A 26 -3.32 3.03 7.80
N LEU A 27 -4.27 3.62 7.11
CA LEU A 27 -4.92 4.86 7.62
C LEU A 27 -6.24 4.46 8.31
N SER A 28 -6.68 3.25 8.11
CA SER A 28 -7.95 2.78 8.70
C SER A 28 -8.08 1.26 8.53
N ILE A 29 -9.28 0.74 8.56
CA ILE A 29 -9.49 -0.73 8.39
C ILE A 29 -9.01 -1.20 7.02
N TRP A 30 -9.34 -0.49 5.98
CA TRP A 30 -8.90 -0.91 4.62
C TRP A 30 -8.35 0.28 3.83
N ASP A 31 -7.68 1.19 4.49
CA ASP A 31 -7.11 2.36 3.77
C ASP A 31 -5.63 2.48 4.13
N SER A 32 -4.76 2.22 3.19
CA SER A 32 -3.31 2.32 3.49
C SER A 32 -2.62 3.00 2.32
N ARG A 33 -1.46 3.57 2.51
CA ARG A 33 -0.77 4.21 1.36
C ARG A 33 0.69 3.78 1.36
N CYS A 34 1.25 3.64 0.20
CA CYS A 34 2.67 3.22 0.13
C CYS A 34 3.52 4.27 0.84
N LEU A 35 4.09 3.92 1.96
CA LEU A 35 4.93 4.91 2.70
C LEU A 35 6.18 4.20 3.25
N NH2 A 36 6.82 3.36 2.49
HN1 NH2 A 36 7.66 2.88 2.84
HN2 NH2 A 36 6.48 3.18 1.53
N GLY A 1 8.78 1.72 -10.01
CA GLY A 1 7.77 1.43 -11.07
C GLY A 1 7.26 -0.01 -10.91
N GLY A 2 6.70 -0.32 -9.78
CA GLY A 2 6.18 -1.70 -9.55
C GLY A 2 5.15 -1.67 -8.43
N CYS A 3 4.51 -2.78 -8.17
CA CYS A 3 3.50 -2.81 -7.08
C CYS A 3 2.64 -1.57 -7.15
N LEU A 4 2.28 -1.12 -6.00
CA LEU A 4 1.45 0.07 -5.85
C LEU A 4 2.36 1.30 -5.74
N PRO A 5 2.17 2.29 -6.58
CA PRO A 5 2.99 3.54 -6.54
C PRO A 5 3.00 4.19 -5.16
N HIS A 6 4.09 4.83 -4.81
CA HIS A 6 4.20 5.47 -3.48
C HIS A 6 2.93 6.30 -3.19
N ASN A 7 2.47 6.25 -1.97
CA ASN A 7 1.26 7.01 -1.57
C ASN A 7 0.00 6.57 -2.34
N ARG A 8 -0.08 5.33 -2.76
CA ARG A 8 -1.31 4.87 -3.47
C ARG A 8 -2.16 4.04 -2.51
N PHE A 9 -3.42 3.86 -2.81
CA PHE A 9 -4.32 3.06 -1.93
C PHE A 9 -3.79 1.64 -1.78
N CYS A 10 -3.22 1.31 -0.64
CA CYS A 10 -2.67 -0.07 -0.44
C CYS A 10 -2.92 -0.55 0.98
N ASN A 11 -3.07 -1.84 1.13
CA ASN A 11 -3.25 -2.44 2.48
C ASN A 11 -2.24 -3.58 2.60
N ALA A 12 -1.65 -3.78 3.75
CA ALA A 12 -0.65 -4.86 3.88
C ALA A 12 -1.26 -6.21 3.49
N LEU A 13 -2.45 -6.47 3.96
CA LEU A 13 -3.11 -7.78 3.67
C LEU A 13 -4.23 -7.61 2.63
N SER A 14 -4.91 -6.50 2.61
CA SER A 14 -6.02 -6.33 1.64
C SER A 14 -5.50 -5.69 0.35
N GLY A 15 -6.27 -5.71 -0.70
CA GLY A 15 -5.83 -5.12 -1.99
C GLY A 15 -4.40 -5.53 -2.30
N PRO A 16 -3.83 -4.95 -3.33
CA PRO A 16 -2.43 -5.23 -3.76
C PRO A 16 -1.41 -4.83 -2.70
N ARG A 17 -0.19 -5.28 -2.86
CA ARG A 17 0.88 -4.96 -1.89
C ARG A 17 1.91 -4.05 -2.55
N CYS A 18 2.51 -3.15 -1.81
CA CYS A 18 3.50 -2.23 -2.39
C CYS A 18 4.78 -2.99 -2.73
N CYS A 19 5.61 -2.39 -3.53
CA CYS A 19 6.89 -3.06 -3.92
C CYS A 19 7.93 -2.85 -2.81
N SER A 20 9.03 -3.56 -2.87
CA SER A 20 10.06 -3.39 -1.80
C SER A 20 10.75 -2.05 -1.96
N GLY A 21 10.04 -1.10 -2.46
CA GLY A 21 10.60 0.26 -2.63
C GLY A 21 9.68 1.23 -1.90
N LEU A 22 8.62 0.70 -1.34
CA LEU A 22 7.66 1.56 -0.60
C LEU A 22 7.16 0.78 0.62
N LYS A 23 6.27 1.35 1.38
CA LYS A 23 5.72 0.63 2.58
C LYS A 23 4.23 0.89 2.69
N CYS A 24 3.46 -0.11 2.95
CA CYS A 24 1.99 0.08 3.05
C CYS A 24 1.62 0.61 4.43
N LYS A 25 1.00 1.75 4.48
CA LYS A 25 0.60 2.35 5.77
C LYS A 25 -0.78 1.82 6.13
N GLU A 26 -0.85 0.80 6.94
CA GLU A 26 -2.16 0.23 7.32
C GLU A 26 -2.68 0.93 8.58
N LEU A 27 -3.75 1.66 8.44
CA LEU A 27 -4.33 2.36 9.61
C LEU A 27 -5.79 1.94 9.76
N SER A 28 -6.43 1.59 8.68
CA SER A 28 -7.85 1.16 8.74
C SER A 28 -8.28 0.68 7.37
N ILE A 29 -9.56 0.61 7.16
CA ILE A 29 -10.07 0.16 5.85
C ILE A 29 -9.78 1.21 4.77
N TRP A 30 -9.98 2.47 5.04
CA TRP A 30 -9.74 3.52 4.02
C TRP A 30 -8.46 4.32 4.32
N ASP A 31 -7.79 4.08 5.42
CA ASP A 31 -6.56 4.86 5.73
C ASP A 31 -5.32 3.99 5.52
N SER A 32 -5.22 3.33 4.39
CA SER A 32 -4.02 2.49 4.14
C SER A 32 -3.43 2.87 2.78
N ARG A 33 -2.22 3.39 2.75
CA ARG A 33 -1.60 3.81 1.44
C ARG A 33 -0.11 3.43 1.42
N CYS A 34 0.44 3.11 0.27
CA CYS A 34 1.89 2.74 0.22
C CYS A 34 2.72 3.96 0.66
N LEU A 35 3.22 3.93 1.87
CA LEU A 35 4.04 5.07 2.36
C LEU A 35 4.97 4.58 3.49
N NH2 A 36 6.24 4.43 3.25
HN1 NH2 A 36 6.61 4.64 2.32
HN2 NH2 A 36 6.87 4.09 3.99
N GLY A 1 1.16 -2.76 -14.11
CA GLY A 1 1.14 -1.79 -12.99
C GLY A 1 2.43 -1.90 -12.18
N GLY A 2 3.28 -0.92 -12.27
CA GLY A 2 4.56 -0.98 -11.51
C GLY A 2 4.26 -1.00 -10.02
N CYS A 3 3.95 -2.16 -9.48
CA CYS A 3 3.65 -2.23 -8.03
C CYS A 3 2.68 -1.10 -7.67
N LEU A 4 2.63 -0.77 -6.42
CA LEU A 4 1.72 0.31 -5.97
C LEU A 4 2.52 1.63 -5.93
N PRO A 5 2.04 2.69 -6.57
CA PRO A 5 2.75 4.00 -6.54
C PRO A 5 2.94 4.50 -5.11
N HIS A 6 3.97 5.25 -4.87
CA HIS A 6 4.24 5.73 -3.49
C HIS A 6 2.94 6.25 -2.84
N ASN A 7 2.66 5.78 -1.65
CA ASN A 7 1.45 6.23 -0.90
C ASN A 7 0.16 6.01 -1.71
N ARG A 8 0.04 4.96 -2.48
CA ARG A 8 -1.24 4.75 -3.23
C ARG A 8 -2.18 3.92 -2.35
N PHE A 9 -3.44 3.82 -2.70
CA PHE A 9 -4.40 3.04 -1.86
C PHE A 9 -4.12 1.54 -1.98
N CYS A 10 -3.88 0.88 -0.88
CA CYS A 10 -3.60 -0.57 -0.91
C CYS A 10 -3.88 -1.18 0.47
N ASN A 11 -4.00 -2.48 0.54
CA ASN A 11 -4.23 -3.15 1.87
C ASN A 11 -3.19 -4.25 2.01
N ALA A 12 -2.65 -4.44 3.18
CA ALA A 12 -1.64 -5.51 3.37
C ALA A 12 -2.21 -6.85 2.90
N LEU A 13 -3.50 -6.98 2.88
CA LEU A 13 -4.13 -8.28 2.47
C LEU A 13 -5.12 -8.09 1.32
N SER A 14 -5.89 -7.03 1.32
CA SER A 14 -6.90 -6.85 0.22
C SER A 14 -6.33 -5.93 -0.87
N GLY A 15 -5.76 -6.50 -1.89
CA GLY A 15 -5.20 -5.68 -3.00
C GLY A 15 -3.68 -5.84 -3.05
N PRO A 16 -3.09 -5.54 -4.18
CA PRO A 16 -1.60 -5.63 -4.37
C PRO A 16 -0.86 -4.81 -3.31
N ARG A 17 0.45 -4.92 -3.28
CA ARG A 17 1.25 -4.16 -2.28
C ARG A 17 2.37 -3.40 -3.01
N CYS A 18 3.00 -2.47 -2.34
CA CYS A 18 4.08 -1.70 -3.01
C CYS A 18 5.28 -2.59 -3.30
N CYS A 19 6.20 -2.06 -4.06
CA CYS A 19 7.41 -2.84 -4.39
C CYS A 19 8.42 -2.67 -3.26
N SER A 20 9.64 -3.03 -3.50
CA SER A 20 10.68 -2.91 -2.45
C SER A 20 10.98 -1.44 -2.18
N GLY A 21 11.16 -1.10 -0.95
CA GLY A 21 11.47 0.31 -0.59
C GLY A 21 10.21 1.01 -0.09
N LEU A 22 9.03 0.51 -0.40
CA LEU A 22 7.80 1.20 0.07
C LEU A 22 6.95 0.21 0.87
N LYS A 23 6.05 0.68 1.69
CA LYS A 23 5.23 -0.25 2.52
C LYS A 23 3.80 0.27 2.61
N CYS A 24 2.85 -0.61 2.69
CA CYS A 24 1.44 -0.19 2.80
C CYS A 24 1.11 0.08 4.28
N LYS A 25 1.12 1.33 4.69
CA LYS A 25 0.83 1.67 6.12
C LYS A 25 -0.67 1.99 6.27
N GLU A 26 -1.15 2.07 7.49
CA GLU A 26 -2.59 2.36 7.71
C GLU A 26 -2.85 3.86 7.64
N LEU A 27 -4.03 4.25 7.17
CA LEU A 27 -4.38 5.70 7.04
C LEU A 27 -5.72 5.96 7.73
N SER A 28 -6.39 4.93 8.17
CA SER A 28 -7.70 5.12 8.85
C SER A 28 -8.11 3.81 9.52
N ILE A 29 -9.38 3.56 9.66
CA ILE A 29 -9.81 2.30 10.31
C ILE A 29 -9.37 1.11 9.43
N TRP A 30 -9.59 1.18 8.15
CA TRP A 30 -9.16 0.06 7.27
C TRP A 30 -8.55 0.59 5.97
N ASP A 31 -7.91 1.74 6.01
CA ASP A 31 -7.29 2.31 4.78
C ASP A 31 -5.77 2.30 4.93
N SER A 32 -5.07 1.77 3.97
CA SER A 32 -3.58 1.74 4.07
C SER A 32 -2.98 2.23 2.76
N ARG A 33 -1.81 2.82 2.79
CA ARG A 33 -1.20 3.32 1.51
C ARG A 33 0.27 2.92 1.43
N CYS A 34 0.74 2.67 0.24
CA CYS A 34 2.16 2.28 0.04
C CYS A 34 3.09 3.38 0.52
N LEU A 35 3.65 3.24 1.68
CA LEU A 35 4.58 4.28 2.18
C LEU A 35 6.02 3.93 1.77
N NH2 A 36 6.68 3.04 2.45
HN1 NH2 A 36 7.64 2.80 2.18
HN2 NH2 A 36 6.24 2.59 3.26
N GLY A 1 1.14 -0.45 -14.06
CA GLY A 1 1.71 0.47 -13.04
C GLY A 1 2.91 -0.20 -12.36
N GLY A 2 2.74 -1.43 -11.92
CA GLY A 2 3.86 -2.15 -11.24
C GLY A 2 3.67 -2.02 -9.72
N CYS A 3 3.36 -3.09 -9.04
CA CYS A 3 3.16 -2.99 -7.56
C CYS A 3 2.28 -1.78 -7.27
N LEU A 4 2.23 -1.35 -6.05
CA LEU A 4 1.40 -0.16 -5.71
C LEU A 4 2.31 1.08 -5.73
N PRO A 5 2.06 2.05 -6.57
CA PRO A 5 2.91 3.28 -6.63
C PRO A 5 2.97 4.02 -5.28
N HIS A 6 3.93 4.88 -5.13
CA HIS A 6 4.12 5.62 -3.84
C HIS A 6 2.79 6.11 -3.23
N ASN A 7 2.68 6.00 -1.92
CA ASN A 7 1.46 6.46 -1.18
C ASN A 7 0.19 6.21 -1.96
N ARG A 8 0.11 5.13 -2.68
CA ARG A 8 -1.16 4.86 -3.42
C ARG A 8 -2.10 4.13 -2.47
N PHE A 9 -3.36 4.05 -2.78
CA PHE A 9 -4.29 3.35 -1.85
C PHE A 9 -3.88 1.88 -1.75
N CYS A 10 -2.89 1.58 -0.94
CA CYS A 10 -2.41 0.19 -0.80
C CYS A 10 -3.12 -0.50 0.38
N ASN A 11 -2.95 -1.79 0.49
CA ASN A 11 -3.57 -2.54 1.61
C ASN A 11 -2.50 -3.46 2.22
N ALA A 12 -2.61 -4.73 1.97
CA ALA A 12 -1.63 -5.71 2.51
C ALA A 12 -2.27 -7.10 2.50
N LEU A 13 -3.42 -7.22 3.12
CA LEU A 13 -4.11 -8.54 3.16
C LEU A 13 -5.17 -8.58 2.07
N SER A 14 -5.40 -7.48 1.39
CA SER A 14 -6.44 -7.46 0.32
C SER A 14 -5.96 -6.61 -0.86
N GLY A 15 -5.85 -7.19 -2.02
CA GLY A 15 -5.42 -6.42 -3.21
C GLY A 15 -3.88 -6.34 -3.23
N PRO A 16 -3.33 -5.97 -4.35
CA PRO A 16 -1.85 -5.84 -4.52
C PRO A 16 -1.23 -4.99 -3.40
N ARG A 17 0.07 -4.97 -3.33
CA ARG A 17 0.75 -4.17 -2.28
C ARG A 17 1.96 -3.45 -2.88
N CYS A 18 2.59 -2.57 -2.14
CA CYS A 18 3.76 -1.84 -2.72
C CYS A 18 4.93 -2.79 -2.93
N CYS A 19 5.78 -2.43 -3.85
CA CYS A 19 6.97 -3.26 -4.14
C CYS A 19 8.01 -3.05 -3.05
N SER A 20 9.20 -3.49 -3.31
CA SER A 20 10.28 -3.29 -2.31
C SER A 20 10.67 -1.82 -2.29
N GLY A 21 10.96 -1.29 -1.15
CA GLY A 21 11.34 0.15 -1.08
C GLY A 21 10.16 0.99 -0.60
N LEU A 22 8.93 0.50 -0.67
CA LEU A 22 7.80 1.33 -0.19
C LEU A 22 7.08 0.57 0.94
N LYS A 23 6.27 1.23 1.72
CA LYS A 23 5.57 0.51 2.84
C LYS A 23 4.10 0.87 2.89
N CYS A 24 3.28 -0.08 3.21
CA CYS A 24 1.83 0.19 3.32
C CYS A 24 1.49 0.68 4.73
N LYS A 25 1.27 1.95 4.88
CA LYS A 25 0.93 2.51 6.23
C LYS A 25 -0.58 2.55 6.39
N GLU A 26 -1.09 2.10 7.50
CA GLU A 26 -2.55 2.12 7.72
C GLU A 26 -2.97 3.47 8.33
N LEU A 27 -3.88 4.16 7.71
CA LEU A 27 -4.35 5.47 8.26
C LEU A 27 -5.60 5.24 9.12
N SER A 28 -6.19 4.08 8.99
CA SER A 28 -7.41 3.76 9.79
C SER A 28 -7.84 2.32 9.50
N ILE A 29 -9.08 1.97 9.74
CA ILE A 29 -9.53 0.57 9.47
C ILE A 29 -9.42 0.23 7.99
N TRP A 30 -9.88 1.09 7.12
CA TRP A 30 -9.82 0.80 5.66
C TRP A 30 -9.00 1.87 4.96
N ASP A 31 -8.21 2.60 5.68
CA ASP A 31 -7.39 3.67 5.07
C ASP A 31 -5.91 3.28 5.14
N SER A 32 -5.33 2.90 4.04
CA SER A 32 -3.89 2.52 4.07
C SER A 32 -3.23 2.99 2.78
N ARG A 33 -2.02 3.48 2.83
CA ARG A 33 -1.37 3.95 1.56
C ARG A 33 0.09 3.49 1.53
N CYS A 34 0.57 3.12 0.37
CA CYS A 34 1.99 2.67 0.25
C CYS A 34 2.94 3.82 0.55
N LEU A 35 3.50 3.84 1.72
CA LEU A 35 4.46 4.93 2.08
C LEU A 35 5.82 4.34 2.45
N NH2 A 36 6.73 4.23 1.52
HN1 NH2 A 36 6.53 4.54 0.56
HN2 NH2 A 36 7.66 3.83 1.75
N GLY A 1 1.12 -8.74 -12.24
CA GLY A 1 0.91 -7.27 -12.24
C GLY A 1 2.04 -6.58 -11.47
N GLY A 2 2.13 -5.28 -11.56
CA GLY A 2 3.21 -4.55 -10.82
C GLY A 2 2.73 -4.23 -9.41
N CYS A 3 3.55 -3.59 -8.62
CA CYS A 3 3.15 -3.26 -7.23
C CYS A 3 2.53 -1.86 -7.19
N LEU A 4 2.21 -1.39 -6.02
CA LEU A 4 1.61 -0.04 -5.88
C LEU A 4 2.69 0.99 -5.51
N PRO A 5 2.86 2.02 -6.32
CA PRO A 5 3.86 3.11 -6.07
C PRO A 5 3.69 3.79 -4.71
N HIS A 6 4.74 4.35 -4.19
CA HIS A 6 4.67 5.03 -2.87
C HIS A 6 3.47 5.97 -2.85
N ASN A 7 2.94 6.24 -1.69
CA ASN A 7 1.78 7.16 -1.57
C ASN A 7 0.55 6.59 -2.28
N ARG A 8 0.55 5.33 -2.64
CA ARG A 8 -0.65 4.76 -3.33
C ARG A 8 -1.57 4.10 -2.32
N PHE A 9 -2.83 3.97 -2.63
CA PHE A 9 -3.78 3.34 -1.67
C PHE A 9 -3.70 1.82 -1.76
N CYS A 10 -3.61 1.16 -0.64
CA CYS A 10 -3.52 -0.32 -0.63
C CYS A 10 -4.07 -0.86 0.69
N ASN A 11 -3.86 -2.12 0.95
CA ASN A 11 -4.32 -2.71 2.25
C ASN A 11 -3.19 -3.61 2.78
N ALA A 12 -2.88 -3.51 4.04
CA ALA A 12 -1.78 -4.34 4.60
C ALA A 12 -2.04 -5.81 4.31
N LEU A 13 -3.25 -6.14 3.96
CA LEU A 13 -3.60 -7.56 3.69
C LEU A 13 -4.29 -7.70 2.32
N SER A 14 -5.29 -6.90 2.05
CA SER A 14 -6.01 -7.03 0.75
C SER A 14 -5.36 -6.15 -0.33
N GLY A 15 -5.93 -6.15 -1.51
CA GLY A 15 -5.38 -5.32 -2.61
C GLY A 15 -3.96 -5.77 -2.96
N PRO A 16 -3.47 -5.36 -4.10
CA PRO A 16 -2.09 -5.71 -4.56
C PRO A 16 -1.04 -5.36 -3.51
N ARG A 17 0.20 -5.64 -3.81
CA ARG A 17 1.29 -5.35 -2.85
C ARG A 17 2.05 -4.10 -3.30
N CYS A 18 2.65 -3.39 -2.39
CA CYS A 18 3.42 -2.19 -2.75
C CYS A 18 4.74 -2.64 -3.37
N CYS A 19 5.43 -1.78 -4.08
CA CYS A 19 6.72 -2.21 -4.70
C CYS A 19 7.88 -2.08 -3.70
N SER A 20 9.08 -2.17 -4.21
CA SER A 20 10.29 -2.09 -3.35
C SER A 20 10.46 -0.68 -2.78
N GLY A 21 10.92 -0.60 -1.56
CA GLY A 21 11.15 0.73 -0.93
C GLY A 21 9.82 1.32 -0.46
N LEU A 22 8.71 0.73 -0.82
CA LEU A 22 7.40 1.28 -0.38
C LEU A 22 6.73 0.27 0.57
N LYS A 23 5.93 0.75 1.50
CA LYS A 23 5.25 -0.19 2.46
C LYS A 23 3.78 0.18 2.57
N CYS A 24 2.92 -0.78 2.73
CA CYS A 24 1.46 -0.47 2.84
C CYS A 24 1.06 -0.27 4.29
N LYS A 25 0.97 0.97 4.72
CA LYS A 25 0.56 1.28 6.12
C LYS A 25 -0.93 1.58 6.16
N GLU A 26 -1.59 1.25 7.25
CA GLU A 26 -3.03 1.53 7.37
C GLU A 26 -3.25 2.92 7.97
N LEU A 27 -3.97 3.78 7.28
CA LEU A 27 -4.23 5.15 7.79
C LEU A 27 -5.57 5.13 8.54
N SER A 28 -6.26 4.02 8.47
CA SER A 28 -7.56 3.89 9.16
C SER A 28 -7.98 2.43 9.11
N ILE A 29 -9.22 2.14 9.40
CA ILE A 29 -9.68 0.73 9.36
C ILE A 29 -9.61 0.24 7.90
N TRP A 30 -10.07 1.04 6.97
CA TRP A 30 -10.05 0.63 5.54
C TRP A 30 -9.15 1.56 4.71
N ASP A 31 -8.22 2.25 5.33
CA ASP A 31 -7.34 3.19 4.55
C ASP A 31 -5.87 2.83 4.75
N SER A 32 -5.17 2.61 3.66
CA SER A 32 -3.72 2.27 3.75
C SER A 32 -3.01 2.95 2.59
N ARG A 33 -1.75 3.26 2.74
CA ARG A 33 -1.04 3.91 1.61
C ARG A 33 0.38 3.33 1.48
N CYS A 34 0.83 3.01 0.28
CA CYS A 34 2.20 2.44 0.16
C CYS A 34 3.22 3.43 0.70
N LEU A 35 3.64 3.24 1.91
CA LEU A 35 4.66 4.17 2.49
C LEU A 35 5.20 3.62 3.82
N NH2 A 36 6.49 3.41 3.93
HN1 NH2 A 36 6.87 3.03 4.82
HN2 NH2 A 36 7.12 3.63 3.15
N GLY A 1 8.11 -7.62 -10.71
CA GLY A 1 8.61 -6.31 -11.23
C GLY A 1 7.56 -5.22 -10.95
N GLY A 2 6.31 -5.52 -11.21
CA GLY A 2 5.25 -4.50 -10.96
C GLY A 2 4.73 -4.62 -9.53
N CYS A 3 4.39 -3.51 -8.93
CA CYS A 3 3.85 -3.50 -7.53
C CYS A 3 2.97 -2.27 -7.36
N LEU A 4 2.80 -1.87 -6.14
CA LEU A 4 1.98 -0.68 -5.86
C LEU A 4 2.90 0.54 -5.65
N PRO A 5 2.76 1.57 -6.45
CA PRO A 5 3.62 2.79 -6.31
C PRO A 5 3.37 3.52 -4.98
N HIS A 6 4.35 4.24 -4.51
CA HIS A 6 4.20 4.98 -3.22
C HIS A 6 2.82 5.64 -3.10
N ASN A 7 2.43 5.91 -1.88
CA ASN A 7 1.12 6.58 -1.59
C ASN A 7 -0.05 6.03 -2.42
N ARG A 8 0.01 4.83 -2.94
CA ARG A 8 -1.17 4.33 -3.71
C ARG A 8 -2.16 3.67 -2.74
N PHE A 9 -3.35 3.44 -3.19
CA PHE A 9 -4.40 2.81 -2.34
C PHE A 9 -4.04 1.35 -2.04
N CYS A 10 -3.08 1.12 -1.18
CA CYS A 10 -2.68 -0.27 -0.84
C CYS A 10 -3.37 -0.70 0.46
N ASN A 11 -3.80 -1.93 0.53
CA ASN A 11 -4.43 -2.43 1.79
C ASN A 11 -3.90 -3.83 2.07
N ALA A 12 -3.51 -4.10 3.27
CA ALA A 12 -2.96 -5.44 3.60
C ALA A 12 -3.95 -6.54 3.18
N LEU A 13 -5.22 -6.26 3.28
CA LEU A 13 -6.24 -7.30 2.91
C LEU A 13 -6.74 -7.08 1.47
N SER A 14 -6.58 -5.91 0.93
CA SER A 14 -7.08 -5.68 -0.46
C SER A 14 -6.12 -4.79 -1.25
N GLY A 15 -5.05 -5.34 -1.77
CA GLY A 15 -4.10 -4.51 -2.56
C GLY A 15 -2.74 -5.23 -2.63
N PRO A 16 -2.17 -5.39 -3.80
CA PRO A 16 -0.85 -6.06 -3.97
C PRO A 16 0.22 -5.46 -3.06
N ARG A 17 1.33 -6.12 -2.94
CA ARG A 17 2.42 -5.62 -2.07
C ARG A 17 3.15 -4.49 -2.78
N CYS A 18 3.71 -3.57 -2.06
CA CYS A 18 4.44 -2.47 -2.73
C CYS A 18 5.81 -2.95 -3.18
N CYS A 19 6.31 -2.36 -4.22
CA CYS A 19 7.66 -2.76 -4.71
C CYS A 19 8.71 -2.32 -3.71
N SER A 20 9.94 -2.44 -4.07
CA SER A 20 11.03 -2.03 -3.16
C SER A 20 11.03 -0.51 -3.03
N GLY A 21 11.23 -0.01 -1.85
CA GLY A 21 11.25 1.46 -1.64
C GLY A 21 9.88 1.95 -1.17
N LEU A 22 8.88 1.10 -1.12
CA LEU A 22 7.54 1.57 -0.66
C LEU A 22 6.96 0.56 0.34
N LYS A 23 5.98 0.96 1.11
CA LYS A 23 5.40 0.02 2.12
C LYS A 23 3.92 0.34 2.34
N CYS A 24 3.15 -0.61 2.79
CA CYS A 24 1.69 -0.32 3.01
C CYS A 24 1.41 0.02 4.48
N LYS A 25 1.21 1.30 4.77
CA LYS A 25 0.90 1.72 6.16
C LYS A 25 -0.60 1.95 6.35
N GLU A 26 -1.07 1.73 7.55
CA GLU A 26 -2.49 1.91 7.84
C GLU A 26 -2.78 3.34 8.26
N LEU A 27 -4.01 3.78 8.12
CA LEU A 27 -4.38 5.16 8.52
C LEU A 27 -5.56 5.10 9.51
N SER A 28 -6.46 4.16 9.33
CA SER A 28 -7.62 4.06 10.28
C SER A 28 -8.43 2.77 10.03
N ILE A 29 -9.73 2.85 10.13
CA ILE A 29 -10.61 1.67 9.93
C ILE A 29 -10.55 1.20 8.48
N TRP A 30 -9.44 0.61 8.11
CA TRP A 30 -9.25 0.09 6.71
C TRP A 30 -8.69 1.15 5.77
N ASP A 31 -7.92 2.07 6.28
CA ASP A 31 -7.31 3.11 5.40
C ASP A 31 -5.80 2.87 5.32
N SER A 32 -5.33 2.34 4.22
CA SER A 32 -3.88 2.08 4.10
C SER A 32 -3.37 2.51 2.72
N ARG A 33 -2.18 3.05 2.65
CA ARG A 33 -1.62 3.46 1.35
C ARG A 33 -0.14 3.15 1.31
N CYS A 34 0.39 2.86 0.16
CA CYS A 34 1.83 2.53 0.11
C CYS A 34 2.65 3.69 0.68
N LEU A 35 3.31 3.46 1.77
CA LEU A 35 4.14 4.52 2.41
C LEU A 35 5.44 3.89 2.92
N NH2 A 36 6.46 3.78 2.11
HN1 NH2 A 36 6.38 4.13 1.14
HN2 NH2 A 36 7.34 3.36 2.44
N GLY A 1 7.78 -5.18 -11.62
CA GLY A 1 6.56 -5.89 -12.07
C GLY A 1 5.32 -5.03 -11.77
N GLY A 2 4.46 -5.50 -10.91
CA GLY A 2 3.23 -4.72 -10.59
C GLY A 2 3.10 -4.54 -9.08
N CYS A 3 3.07 -3.32 -8.62
CA CYS A 3 2.94 -3.08 -7.16
C CYS A 3 2.16 -1.78 -6.96
N LEU A 4 2.22 -1.27 -5.77
CA LEU A 4 1.51 -0.02 -5.46
C LEU A 4 2.56 1.10 -5.23
N PRO A 5 2.71 1.99 -6.17
CA PRO A 5 3.67 3.12 -6.06
C PRO A 5 3.34 4.01 -4.86
N HIS A 6 4.31 4.68 -4.32
CA HIS A 6 4.06 5.54 -3.14
C HIS A 6 2.78 6.37 -3.33
N ASN A 7 1.99 6.44 -2.30
CA ASN A 7 0.72 7.25 -2.32
C ASN A 7 -0.48 6.41 -2.80
N ARG A 8 -0.28 5.27 -3.42
CA ARG A 8 -1.47 4.48 -3.87
C ARG A 8 -2.00 3.62 -2.70
N PHE A 9 -3.30 3.51 -2.58
CA PHE A 9 -3.93 2.73 -1.47
C PHE A 9 -3.53 1.26 -1.55
N CYS A 10 -3.30 0.64 -0.43
CA CYS A 10 -2.89 -0.80 -0.43
C CYS A 10 -3.45 -1.52 0.80
N ASN A 11 -3.46 -2.82 0.76
CA ASN A 11 -3.97 -3.61 1.92
C ASN A 11 -3.07 -4.83 2.12
N ALA A 12 -2.69 -5.10 3.34
CA ALA A 12 -1.80 -6.26 3.60
C ALA A 12 -2.41 -7.56 3.04
N LEU A 13 -3.72 -7.63 2.92
CA LEU A 13 -4.34 -8.88 2.42
C LEU A 13 -5.43 -8.58 1.36
N SER A 14 -5.47 -7.38 0.84
CA SER A 14 -6.50 -7.07 -0.21
C SER A 14 -5.85 -6.30 -1.37
N GLY A 15 -6.00 -6.81 -2.57
CA GLY A 15 -5.42 -6.14 -3.76
C GLY A 15 -3.90 -6.37 -3.82
N PRO A 16 -3.27 -5.87 -4.83
CA PRO A 16 -1.79 -5.99 -5.03
C PRO A 16 -1.00 -5.52 -3.80
N ARG A 17 0.30 -5.61 -3.84
CA ARG A 17 1.13 -5.20 -2.69
C ARG A 17 2.14 -4.10 -3.08
N CYS A 18 2.54 -3.29 -2.13
CA CYS A 18 3.50 -2.21 -2.40
C CYS A 18 4.85 -2.84 -2.77
N CYS A 19 5.61 -2.19 -3.61
CA CYS A 19 6.92 -2.78 -4.02
C CYS A 19 8.04 -2.37 -3.04
N SER A 20 9.26 -2.51 -3.48
CA SER A 20 10.43 -2.15 -2.61
C SER A 20 10.48 -0.64 -2.40
N GLY A 21 10.94 -0.22 -1.26
CA GLY A 21 11.02 1.24 -0.98
C GLY A 21 9.64 1.76 -0.61
N LEU A 22 8.64 0.91 -0.67
CA LEU A 22 7.26 1.35 -0.31
C LEU A 22 6.81 0.60 0.95
N LYS A 23 5.94 1.19 1.73
CA LYS A 23 5.47 0.52 2.99
C LYS A 23 3.97 0.65 3.13
N CYS A 24 3.26 -0.45 3.12
CA CYS A 24 1.79 -0.34 3.26
C CYS A 24 1.42 0.05 4.69
N LYS A 25 1.50 1.30 5.03
CA LYS A 25 1.14 1.74 6.39
C LYS A 25 -0.36 2.02 6.46
N GLU A 26 -1.00 1.58 7.49
CA GLU A 26 -2.45 1.83 7.65
C GLU A 26 -2.66 3.09 8.48
N LEU A 27 -3.45 4.01 8.00
CA LEU A 27 -3.71 5.25 8.77
C LEU A 27 -5.01 5.10 9.55
N SER A 28 -5.81 4.14 9.17
CA SER A 28 -7.11 3.91 9.87
C SER A 28 -7.71 2.62 9.33
N ILE A 29 -8.97 2.38 9.58
CA ILE A 29 -9.59 1.13 9.08
C ILE A 29 -9.56 1.10 7.55
N TRP A 30 -9.96 2.17 6.91
CA TRP A 30 -9.98 2.21 5.44
C TRP A 30 -8.85 3.11 4.91
N ASP A 31 -8.11 3.75 5.78
CA ASP A 31 -7.02 4.66 5.29
C ASP A 31 -5.67 3.96 5.35
N SER A 32 -5.13 3.60 4.21
CA SER A 32 -3.79 2.94 4.18
C SER A 32 -3.07 3.41 2.89
N ARG A 33 -1.78 3.57 2.89
CA ARG A 33 -1.10 4.03 1.64
C ARG A 33 0.27 3.37 1.55
N CYS A 34 0.69 3.01 0.37
CA CYS A 34 2.01 2.37 0.24
C CYS A 34 3.11 3.35 0.63
N LEU A 35 3.82 3.03 1.66
CA LEU A 35 4.96 3.87 2.17
C LEU A 35 4.55 4.47 3.51
N NH2 A 36 3.33 4.83 3.69
HN1 NH2 A 36 3.04 5.22 4.60
HN2 NH2 A 36 2.65 4.75 2.92
N GLY A 1 9.49 1.49 -9.27
CA GLY A 1 9.59 0.37 -10.25
C GLY A 1 8.18 -0.13 -10.60
N GLY A 2 7.72 -1.14 -9.91
CA GLY A 2 6.37 -1.69 -10.20
C GLY A 2 5.50 -1.65 -8.95
N CYS A 3 4.82 -2.73 -8.69
CA CYS A 3 3.94 -2.80 -7.49
C CYS A 3 3.00 -1.60 -7.45
N LEU A 4 2.48 -1.37 -6.28
CA LEU A 4 1.57 -0.25 -6.03
C LEU A 4 2.42 1.02 -5.80
N PRO A 5 2.25 2.02 -6.63
CA PRO A 5 3.02 3.28 -6.50
C PRO A 5 2.89 3.90 -5.11
N HIS A 6 3.93 4.53 -4.64
CA HIS A 6 3.88 5.16 -3.30
C HIS A 6 2.65 6.08 -3.21
N ASN A 7 2.11 6.24 -2.02
CA ASN A 7 0.91 7.11 -1.83
C ASN A 7 -0.33 6.47 -2.50
N ARG A 8 -0.17 5.38 -3.18
CA ARG A 8 -1.36 4.76 -3.84
C ARG A 8 -2.16 3.97 -2.80
N PHE A 9 -3.45 3.92 -2.97
CA PHE A 9 -4.33 3.20 -2.01
C PHE A 9 -4.12 1.68 -2.12
N CYS A 10 -4.04 1.03 -1.00
CA CYS A 10 -3.85 -0.45 -0.96
C CYS A 10 -4.49 -1.01 0.30
N ASN A 11 -4.57 -2.30 0.41
CA ASN A 11 -5.13 -2.93 1.64
C ASN A 11 -4.00 -3.69 2.33
N ALA A 12 -3.79 -3.47 3.59
CA ALA A 12 -2.68 -4.16 4.29
C ALA A 12 -2.77 -5.67 4.04
N LEU A 13 -3.96 -6.16 3.78
CA LEU A 13 -4.13 -7.62 3.55
C LEU A 13 -4.44 -7.91 2.08
N SER A 14 -5.41 -7.25 1.52
CA SER A 14 -5.79 -7.52 0.10
C SER A 14 -5.17 -6.50 -0.85
N GLY A 15 -5.73 -6.40 -2.02
CA GLY A 15 -5.22 -5.44 -3.03
C GLY A 15 -3.79 -5.79 -3.40
N PRO A 16 -3.28 -5.16 -4.43
CA PRO A 16 -1.89 -5.38 -4.91
C PRO A 16 -0.87 -5.09 -3.80
N ARG A 17 0.34 -5.49 -4.01
CA ARG A 17 1.40 -5.26 -2.99
C ARG A 17 2.38 -4.21 -3.48
N CYS A 18 2.86 -3.38 -2.59
CA CYS A 18 3.83 -2.35 -3.00
C CYS A 18 5.18 -3.00 -3.23
N CYS A 19 6.08 -2.27 -3.81
CA CYS A 19 7.43 -2.84 -4.10
C CYS A 19 8.36 -2.57 -2.92
N SER A 20 9.58 -3.05 -2.98
CA SER A 20 10.52 -2.82 -1.86
C SER A 20 10.83 -1.32 -1.73
N GLY A 21 10.94 -0.85 -0.52
CA GLY A 21 11.22 0.59 -0.30
C GLY A 21 9.89 1.28 0.02
N LEU A 22 8.80 0.66 -0.36
CA LEU A 22 7.46 1.26 -0.09
C LEU A 22 6.76 0.39 0.95
N LYS A 23 5.93 0.96 1.76
CA LYS A 23 5.22 0.15 2.79
C LYS A 23 3.81 0.69 2.95
N CYS A 24 2.84 -0.15 2.80
CA CYS A 24 1.45 0.32 2.97
C CYS A 24 1.23 0.59 4.46
N LYS A 25 1.22 1.84 4.83
CA LYS A 25 1.06 2.20 6.26
C LYS A 25 -0.43 2.30 6.60
N GLU A 26 -0.84 1.83 7.75
CA GLU A 26 -2.27 1.88 8.10
C GLU A 26 -2.63 3.23 8.72
N LEU A 27 -3.56 3.91 8.15
CA LEU A 27 -4.00 5.21 8.69
C LEU A 27 -5.41 5.02 9.29
N SER A 28 -5.99 3.88 9.03
CA SER A 28 -7.34 3.57 9.57
C SER A 28 -7.65 2.11 9.25
N ILE A 29 -8.89 1.72 9.28
CA ILE A 29 -9.22 0.30 8.98
C ILE A 29 -8.86 0.00 7.52
N TRP A 30 -9.21 0.86 6.60
CA TRP A 30 -8.87 0.63 5.17
C TRP A 30 -8.08 1.84 4.63
N ASP A 31 -7.55 2.67 5.51
CA ASP A 31 -6.78 3.84 5.02
C ASP A 31 -5.31 3.48 5.03
N SER A 32 -4.89 2.66 4.11
CA SER A 32 -3.46 2.26 4.05
C SER A 32 -2.88 2.70 2.71
N ARG A 33 -1.69 3.23 2.70
CA ARG A 33 -1.11 3.66 1.39
C ARG A 33 0.37 3.26 1.34
N CYS A 34 0.81 2.75 0.22
CA CYS A 34 2.24 2.33 0.11
C CYS A 34 3.10 3.55 0.40
N LEU A 35 3.73 3.59 1.52
CA LEU A 35 4.57 4.77 1.87
C LEU A 35 5.97 4.32 2.32
N NH2 A 36 6.26 4.27 3.59
HN1 NH2 A 36 7.20 3.97 3.89
HN2 NH2 A 36 5.55 4.52 4.29
N GLY A 1 3.02 -1.22 -11.83
CA GLY A 1 3.73 -2.36 -12.48
C GLY A 1 4.24 -3.31 -11.40
N GLY A 2 5.49 -3.18 -11.02
CA GLY A 2 6.05 -4.07 -9.96
C GLY A 2 5.08 -4.12 -8.79
N CYS A 3 4.83 -3.00 -8.19
CA CYS A 3 3.89 -2.98 -7.04
C CYS A 3 2.97 -1.78 -7.14
N LEU A 4 2.56 -1.34 -6.02
CA LEU A 4 1.67 -0.18 -5.93
C LEU A 4 2.54 1.09 -5.89
N PRO A 5 2.23 2.07 -6.69
CA PRO A 5 3.02 3.34 -6.71
C PRO A 5 3.10 4.00 -5.34
N HIS A 6 4.21 4.62 -5.06
CA HIS A 6 4.41 5.30 -3.75
C HIS A 6 3.27 6.29 -3.47
N ASN A 7 2.66 6.19 -2.32
CA ASN A 7 1.54 7.11 -1.95
C ASN A 7 0.21 6.73 -2.61
N ARG A 8 0.06 5.49 -3.04
CA ARG A 8 -1.26 5.08 -3.66
C ARG A 8 -1.97 4.13 -2.70
N PHE A 9 -3.25 3.94 -2.86
CA PHE A 9 -4.01 3.04 -1.93
C PHE A 9 -3.56 1.59 -2.07
N CYS A 10 -3.13 0.99 -0.99
CA CYS A 10 -2.67 -0.44 -1.03
C CYS A 10 -3.16 -1.15 0.24
N ASN A 11 -3.26 -2.44 0.19
CA ASN A 11 -3.71 -3.20 1.40
C ASN A 11 -2.83 -4.44 1.53
N ALA A 12 -2.12 -4.56 2.61
CA ALA A 12 -1.25 -5.75 2.78
C ALA A 12 -2.09 -7.02 2.60
N LEU A 13 -3.37 -6.94 2.86
CA LEU A 13 -4.24 -8.15 2.72
C LEU A 13 -5.28 -7.97 1.60
N SER A 14 -6.12 -6.97 1.69
CA SER A 14 -7.17 -6.77 0.63
C SER A 14 -6.73 -5.72 -0.39
N GLY A 15 -5.94 -6.11 -1.35
CA GLY A 15 -5.49 -5.14 -2.38
C GLY A 15 -4.05 -5.48 -2.77
N PRO A 16 -3.55 -4.91 -3.83
CA PRO A 16 -2.17 -5.15 -4.28
C PRO A 16 -1.17 -4.73 -3.20
N ARG A 17 0.06 -5.13 -3.32
CA ARG A 17 1.06 -4.79 -2.29
C ARG A 17 2.08 -3.80 -2.86
N CYS A 18 2.84 -3.19 -1.99
CA CYS A 18 3.85 -2.22 -2.42
C CYS A 18 5.14 -2.96 -2.72
N CYS A 19 5.98 -2.35 -3.49
CA CYS A 19 7.28 -3.00 -3.83
C CYS A 19 8.24 -2.76 -2.67
N SER A 20 9.30 -3.52 -2.58
CA SER A 20 10.25 -3.33 -1.45
C SER A 20 10.94 -1.99 -1.53
N GLY A 21 10.23 -1.00 -1.96
CA GLY A 21 10.79 0.37 -2.05
C GLY A 21 9.79 1.33 -1.39
N LEU A 22 8.71 0.80 -0.90
CA LEU A 22 7.66 1.66 -0.25
C LEU A 22 7.12 0.92 0.98
N LYS A 23 6.23 1.54 1.71
CA LYS A 23 5.64 0.86 2.91
C LYS A 23 4.13 1.11 2.94
N CYS A 24 3.36 0.08 3.17
CA CYS A 24 1.89 0.25 3.23
C CYS A 24 1.47 0.48 4.67
N LYS A 25 1.37 1.72 5.07
CA LYS A 25 0.98 2.03 6.47
C LYS A 25 -0.54 2.21 6.53
N GLU A 26 -1.17 1.71 7.55
CA GLU A 26 -2.65 1.85 7.63
C GLU A 26 -2.99 3.21 8.27
N LEU A 27 -3.97 3.87 7.73
CA LEU A 27 -4.36 5.21 8.27
C LEU A 27 -5.62 5.06 9.13
N SER A 28 -6.32 3.96 9.02
CA SER A 28 -7.55 3.76 9.83
C SER A 28 -8.04 2.33 9.71
N ILE A 29 -9.33 2.14 9.82
CA ILE A 29 -9.88 0.76 9.75
C ILE A 29 -9.57 0.16 8.37
N TRP A 30 -9.84 0.88 7.31
CA TRP A 30 -9.55 0.35 5.94
C TRP A 30 -8.76 1.36 5.12
N ASP A 31 -8.09 2.27 5.77
CA ASP A 31 -7.31 3.29 5.02
C ASP A 31 -5.82 2.94 5.05
N SER A 32 -5.26 2.58 3.91
CA SER A 32 -3.81 2.22 3.88
C SER A 32 -3.21 2.72 2.56
N ARG A 33 -1.97 3.17 2.58
CA ARG A 33 -1.36 3.68 1.32
C ARG A 33 0.14 3.33 1.31
N CYS A 34 0.70 3.03 0.16
CA CYS A 34 2.15 2.69 0.11
C CYS A 34 3.00 3.92 0.46
N LEU A 35 3.32 4.10 1.73
CA LEU A 35 4.15 5.27 2.12
C LEU A 35 5.62 4.82 2.16
N NH2 A 36 6.44 5.37 3.03
HN1 NH2 A 36 6.10 6.11 3.67
HN2 NH2 A 36 7.43 5.07 3.06
N GLY A 1 7.38 -5.43 -10.93
CA GLY A 1 6.43 -5.37 -12.06
C GLY A 1 5.56 -4.12 -11.94
N GLY A 2 5.82 -3.30 -10.96
CA GLY A 2 5.02 -2.06 -10.79
C GLY A 2 4.49 -1.98 -9.36
N CYS A 3 3.99 -3.06 -8.83
CA CYS A 3 3.45 -3.03 -7.44
C CYS A 3 2.64 -1.75 -7.26
N LEU A 4 2.42 -1.37 -6.05
CA LEU A 4 1.68 -0.15 -5.76
C LEU A 4 2.67 1.01 -5.56
N PRO A 5 2.67 1.98 -6.43
CA PRO A 5 3.58 3.16 -6.33
C PRO A 5 3.41 3.91 -4.99
N HIS A 6 4.47 4.52 -4.52
CA HIS A 6 4.40 5.26 -3.23
C HIS A 6 3.06 6.04 -3.13
N ASN A 7 2.69 6.42 -1.94
CA ASN A 7 1.43 7.20 -1.73
C ASN A 7 0.21 6.56 -2.43
N ARG A 8 0.28 5.30 -2.79
CA ARG A 8 -0.91 4.66 -3.45
C ARG A 8 -1.77 3.98 -2.39
N PHE A 9 -3.05 3.88 -2.63
CA PHE A 9 -3.95 3.21 -1.65
C PHE A 9 -3.64 1.71 -1.61
N CYS A 10 -3.08 1.25 -0.52
CA CYS A 10 -2.74 -0.21 -0.40
C CYS A 10 -3.69 -0.87 0.59
N ASN A 11 -3.62 -2.17 0.71
CA ASN A 11 -4.49 -2.87 1.68
C ASN A 11 -3.71 -4.05 2.25
N ALA A 12 -2.99 -3.85 3.31
CA ALA A 12 -2.22 -4.99 3.89
C ALA A 12 -3.16 -6.19 4.02
N LEU A 13 -4.44 -5.96 3.89
CA LEU A 13 -5.44 -7.07 4.01
C LEU A 13 -6.00 -7.48 2.64
N SER A 14 -6.32 -6.54 1.79
CA SER A 14 -6.91 -6.93 0.47
C SER A 14 -6.52 -5.96 -0.65
N GLY A 15 -5.53 -6.31 -1.42
CA GLY A 15 -5.09 -5.42 -2.53
C GLY A 15 -3.68 -5.81 -2.96
N PRO A 16 -3.21 -5.24 -4.04
CA PRO A 16 -1.85 -5.51 -4.57
C PRO A 16 -0.77 -5.26 -3.51
N ARG A 17 0.44 -5.65 -3.78
CA ARG A 17 1.54 -5.48 -2.80
C ARG A 17 2.47 -4.35 -3.25
N CYS A 18 2.92 -3.52 -2.34
CA CYS A 18 3.81 -2.40 -2.70
C CYS A 18 5.19 -2.92 -3.10
N CYS A 19 5.86 -2.23 -3.99
CA CYS A 19 7.22 -2.69 -4.42
C CYS A 19 8.27 -2.33 -3.37
N SER A 20 9.52 -2.44 -3.74
CA SER A 20 10.62 -2.13 -2.78
C SER A 20 10.67 -0.63 -2.53
N GLY A 21 11.09 -0.24 -1.36
CA GLY A 21 11.17 1.20 -1.04
C GLY A 21 9.80 1.73 -0.63
N LEU A 22 8.77 0.93 -0.75
CA LEU A 22 7.41 1.41 -0.34
C LEU A 22 6.93 0.62 0.89
N LYS A 23 6.05 1.19 1.67
CA LYS A 23 5.56 0.48 2.89
C LYS A 23 4.04 0.62 2.98
N CYS A 24 3.30 -0.46 2.89
CA CYS A 24 1.82 -0.33 3.01
C CYS A 24 1.48 0.10 4.44
N LYS A 25 1.38 1.38 4.66
CA LYS A 25 1.07 1.87 6.01
C LYS A 25 -0.44 1.92 6.22
N GLU A 26 -0.88 1.70 7.42
CA GLU A 26 -2.34 1.74 7.70
C GLU A 26 -2.75 3.18 7.99
N LEU A 27 -3.71 3.69 7.27
CA LEU A 27 -4.16 5.09 7.53
C LEU A 27 -5.39 4.99 8.43
N SER A 28 -6.01 3.85 8.37
CA SER A 28 -7.22 3.56 9.20
C SER A 28 -7.55 2.08 9.01
N ILE A 29 -8.65 1.63 9.51
CA ILE A 29 -9.00 0.21 9.33
C ILE A 29 -9.25 -0.04 7.84
N TRP A 30 -9.98 0.85 7.20
CA TRP A 30 -10.29 0.69 5.76
C TRP A 30 -9.40 1.61 4.90
N ASP A 31 -8.44 2.27 5.50
CA ASP A 31 -7.57 3.21 4.71
C ASP A 31 -6.08 2.85 4.87
N SER A 32 -5.41 2.56 3.78
CA SER A 32 -3.96 2.21 3.85
C SER A 32 -3.24 2.77 2.61
N ARG A 33 -1.96 3.10 2.72
CA ARG A 33 -1.24 3.64 1.53
C ARG A 33 0.17 3.05 1.45
N CYS A 34 0.62 2.69 0.27
CA CYS A 34 2.02 2.17 0.16
C CYS A 34 2.96 3.31 0.51
N LEU A 35 3.55 3.26 1.66
CA LEU A 35 4.49 4.36 2.04
C LEU A 35 5.82 4.13 1.32
N NH2 A 36 6.93 4.10 2.01
HN1 NH2 A 36 6.91 4.24 3.03
HN2 NH2 A 36 7.83 3.94 1.53
#